data_5JVN
#
_entry.id   5JVN
#
_cell.length_a   249.430
_cell.length_b   249.430
_cell.length_c   84.060
_cell.angle_alpha   90.000
_cell.angle_beta   90.000
_cell.angle_gamma   120.000
#
_symmetry.space_group_name_H-M   'P 6 2 2'
#
loop_
_entity.id
_entity.type
_entity.pdbx_description
1 polymer 'Pyruvate, phosphate dikinase, chloroplastic'
2 non-polymer "2'-Bromo-2'-deoxyadenosine 5'-[beta,gamma-imide]triphosphoric acid"
3 non-polymer PHOSPHOENOLPYRUVATE
4 non-polymer 'MAGNESIUM ION'
#
_entity_poly.entity_id   1
_entity_poly.type   'polypeptide(L)'
_entity_poly.pdbx_seq_one_letter_code
;AKKRVFTFGKGRSEGNKDMKSLLGGKGANLAEMASIGLSVPPGLTISTEACEEYQQNGKKLPPGLWDEILEGLRYVQKEM
SASLGDPSKPLLLSVRSGAAISMPGMMDTVLNLGLNDEVVAGLAGKSGARFAYDSYRRFLDMFGNVVMGIPHSLFDEKLE
EMKAEKGVHLDTDLTAADLKDLVEQYKNVYVEAKGEKFPTDPKKQLELAVNAVFDSWDSPRANKYRSINQITGLKGTAVN
IQCMVFGNMGNTSGTGVLFTRNPSTGEKKLYGEFLVNAQGEDVVAGIRTPEDLATMETCMPEAYRELVENCKILERHYKD
MMDIEFTVQENRLWMLQCRTGKRTGKGAVRIAVDMVNEGLIDTRTAIKRVETQHLDQLLHPQFENPSAYKSHVVATGLPA
SPGAAVGQVVFSAEDAETWHAQGKSAILVRTETSPEDVGGMHAAAGILTARGGMTSHAAVVARGWGKCCVSGCADIRVND
DMKVLTIGDRVIKEGDWLSLNGSTGEVILGKQLLAPPAMSNDLETFMSWADQVRRLKVMANADTPNDALTARNNGAQGIG
LCRTEHMFFASDERIKAVRKMIMAVTPEQRKAALDLLLPYQRSDFEGIFRAMDGLPVTIRLLDPPLHEFLPEGDLEHIVN
ELAVDTGMSEDEIYSKIEKLSEVNPMLGFRGCRLGISYPELTEMQVRAIFQAAVSMNNQGVTVIPEIMVPLVGTPQELRH
QIGVIRGVAANVFAEMGLTMDYKVGTMIEIPRAALIAEEIAKEAEFFSFGTNDLTQMTFGYSRDDVGKFLQIYLSQGILQ
HDPFEVLDQKGVGQLIKMATEKGRAANPNLKVGICGEHGGEPSSVAFFDGVGLDYVSCSPFRVPIARLAAAQVVV
;
_entity_poly.pdbx_strand_id   A
#
loop_
_chem_comp.id
_chem_comp.type
_chem_comp.name
_chem_comp.formula
6NQ non-polymer '2'-Bromo-2'-deoxyadenosine 5'-[beta,gamma-imide]triphosphoric acid' 'C10 H16 Br N6 O11 P3'
MG non-polymer 'MAGNESIUM ION' 'Mg 2'
PEP non-polymer PHOSPHOENOLPYRUVATE 'C3 H5 O6 P'
#
# COMPACT_ATOMS: atom_id res chain seq x y z
N ALA A 1 -11.71 -6.80 48.05
CA ALA A 1 -10.30 -6.87 47.55
C ALA A 1 -10.27 -7.42 46.09
N LYS A 2 -9.71 -6.62 45.19
CA LYS A 2 -9.66 -6.90 43.76
C LYS A 2 -8.22 -7.02 43.29
N LYS A 3 -7.98 -7.94 42.37
CA LYS A 3 -6.62 -8.20 41.92
C LYS A 3 -6.20 -7.15 40.90
N ARG A 4 -5.02 -6.56 41.11
CA ARG A 4 -4.49 -5.51 40.26
C ARG A 4 -3.12 -5.76 39.67
N VAL A 5 -2.47 -6.86 40.05
CA VAL A 5 -1.17 -7.25 39.50
C VAL A 5 -1.30 -8.66 38.96
N PHE A 6 -0.82 -8.85 37.74
CA PHE A 6 -0.93 -10.14 37.03
C PHE A 6 0.43 -10.52 36.47
N THR A 7 1.05 -11.51 37.08
CA THR A 7 2.35 -11.98 36.64
C THR A 7 2.24 -12.75 35.33
N PHE A 8 3.38 -12.91 34.66
CA PHE A 8 3.46 -13.69 33.45
C PHE A 8 4.85 -14.30 33.36
N GLY A 9 4.90 -15.50 32.81
CA GLY A 9 6.15 -16.21 32.58
C GLY A 9 5.92 -17.31 31.59
N LYS A 10 6.96 -18.08 31.28
CA LYS A 10 6.82 -19.15 30.30
C LYS A 10 5.76 -20.13 30.74
N GLY A 11 4.67 -20.22 29.97
CA GLY A 11 3.56 -21.13 30.25
C GLY A 11 2.63 -20.74 31.39
N ARG A 12 2.93 -19.68 32.13
CA ARG A 12 2.16 -19.30 33.28
C ARG A 12 1.76 -17.82 33.13
N SER A 13 0.46 -17.56 33.07
CA SER A 13 -0.07 -16.23 32.92
C SER A 13 -1.32 -16.10 33.76
N GLU A 14 -1.32 -15.14 34.68
CA GLU A 14 -2.49 -14.87 35.50
C GLU A 14 -3.62 -14.18 34.72
N GLY A 15 -3.28 -13.43 33.68
CA GLY A 15 -4.26 -12.86 32.77
C GLY A 15 -4.52 -13.76 31.56
N ASN A 16 -5.07 -13.14 30.53
CA ASN A 16 -5.29 -13.84 29.25
C ASN A 16 -5.39 -12.83 28.13
N LYS A 17 -5.49 -13.32 26.89
CA LYS A 17 -5.43 -12.46 25.72
C LYS A 17 -6.63 -11.54 25.57
N ASP A 18 -7.77 -11.95 26.12
CA ASP A 18 -9.00 -11.18 25.99
C ASP A 18 -9.16 -10.05 27.01
N MET A 19 -8.20 -9.90 27.91
CA MET A 19 -8.25 -8.87 28.94
C MET A 19 -7.54 -7.57 28.54
N LYS A 20 -7.76 -7.11 27.32
CA LYS A 20 -7.17 -5.84 26.89
C LYS A 20 -7.65 -4.67 27.73
N SER A 21 -8.88 -4.75 28.21
CA SER A 21 -9.45 -3.67 29.00
C SER A 21 -8.73 -3.46 30.33
N LEU A 22 -8.26 -4.53 30.94
CA LEU A 22 -7.65 -4.47 32.28
C LEU A 22 -6.14 -4.42 32.23
N LEU A 23 -5.52 -5.15 31.31
CA LEU A 23 -4.07 -5.19 31.20
C LEU A 23 -3.52 -4.26 30.13
N GLY A 24 -4.39 -3.67 29.34
CA GLY A 24 -3.95 -2.85 28.22
C GLY A 24 -3.60 -3.71 27.03
N GLY A 25 -3.22 -3.06 25.94
CA GLY A 25 -2.88 -3.73 24.72
C GLY A 25 -1.74 -4.68 24.94
N LYS A 26 -0.57 -4.14 25.29
CA LYS A 26 0.62 -4.96 25.42
C LYS A 26 0.53 -5.95 26.56
N GLY A 27 -0.11 -5.53 27.64
CA GLY A 27 -0.25 -6.41 28.80
C GLY A 27 -1.03 -7.68 28.49
N ALA A 28 -2.13 -7.53 27.77
CA ALA A 28 -2.89 -8.70 27.34
C ALA A 28 -2.10 -9.52 26.33
N ASN A 29 -1.28 -8.87 25.52
CA ASN A 29 -0.42 -9.58 24.59
C ASN A 29 0.66 -10.39 25.33
N LEU A 30 1.28 -9.79 26.34
CA LEU A 30 2.26 -10.51 27.12
C LEU A 30 1.63 -11.70 27.82
N ALA A 31 0.37 -11.57 28.23
CA ALA A 31 -0.32 -12.72 28.81
C ALA A 31 -0.61 -13.77 27.76
N GLU A 32 -0.91 -13.35 26.53
CA GLU A 32 -1.21 -14.28 25.46
C GLU A 32 0.02 -15.11 25.10
N MET A 33 1.15 -14.45 24.80
CA MET A 33 2.39 -15.15 24.47
C MET A 33 2.80 -16.10 25.61
N ALA A 34 2.66 -15.65 26.85
CA ALA A 34 2.99 -16.50 27.98
C ALA A 34 2.08 -17.73 28.07
N SER A 35 0.78 -17.53 27.89
CA SER A 35 -0.18 -18.63 28.03
C SER A 35 0.10 -19.77 27.07
N ILE A 36 0.37 -19.45 25.82
CA ILE A 36 0.60 -20.47 24.77
C ILE A 36 1.96 -21.17 24.92
N GLY A 37 2.76 -20.74 25.89
CA GLY A 37 4.00 -21.39 26.22
C GLY A 37 5.24 -20.86 25.54
N LEU A 38 5.26 -19.56 25.20
CA LEU A 38 6.46 -18.94 24.62
C LEU A 38 7.40 -18.54 25.73
N SER A 39 8.70 -18.50 25.39
CA SER A 39 9.75 -18.26 26.37
C SER A 39 9.95 -16.74 26.62
N VAL A 40 8.94 -16.09 27.15
CA VAL A 40 9.02 -14.67 27.43
C VAL A 40 9.65 -14.49 28.79
N PRO A 41 10.60 -13.58 28.94
CA PRO A 41 11.11 -13.32 30.27
C PRO A 41 9.99 -12.97 31.23
N PRO A 42 10.08 -13.40 32.49
CA PRO A 42 8.99 -13.16 33.41
C PRO A 42 8.77 -11.70 33.73
N GLY A 43 7.56 -11.37 34.15
CA GLY A 43 7.24 -10.02 34.55
C GLY A 43 5.88 -9.95 35.18
N LEU A 44 5.34 -8.74 35.26
CA LEU A 44 4.00 -8.51 35.80
C LEU A 44 3.36 -7.29 35.15
N THR A 45 2.04 -7.20 35.29
CA THR A 45 1.28 -6.12 34.71
C THR A 45 0.39 -5.53 35.78
N ILE A 46 0.51 -4.24 36.02
CA ILE A 46 -0.34 -3.52 36.95
C ILE A 46 -1.56 -3.01 36.18
N SER A 47 -2.74 -3.45 36.60
CA SER A 47 -3.96 -3.24 35.82
C SER A 47 -4.34 -1.77 35.63
N THR A 48 -5.24 -1.54 34.71
CA THR A 48 -5.71 -0.19 34.45
C THR A 48 -6.60 0.31 35.57
N GLU A 49 -7.28 -0.60 36.28
CA GLU A 49 -8.05 -0.22 37.47
C GLU A 49 -7.15 0.34 38.53
N ALA A 50 -5.93 -0.18 38.65
CA ALA A 50 -4.96 0.40 39.58
C ALA A 50 -4.69 1.87 39.24
N CYS A 51 -4.48 2.16 37.97
CA CYS A 51 -4.26 3.52 37.53
C CYS A 51 -5.42 4.43 37.94
N GLU A 52 -6.64 3.94 37.79
CA GLU A 52 -7.82 4.72 38.17
C GLU A 52 -7.82 4.99 39.67
N GLU A 53 -7.55 3.97 40.47
CA GLU A 53 -7.47 4.15 41.91
C GLU A 53 -6.37 5.13 42.29
N TYR A 54 -5.24 5.07 41.60
CA TYR A 54 -4.17 6.07 41.78
C TYR A 54 -4.70 7.48 41.59
N GLN A 55 -5.52 7.71 40.57
CA GLN A 55 -6.12 9.03 40.35
C GLN A 55 -7.07 9.39 41.49
N GLN A 56 -8.00 8.49 41.79
CA GLN A 56 -8.95 8.69 42.87
C GLN A 56 -8.34 8.67 44.26
N ASN A 57 -7.02 8.52 44.37
CA ASN A 57 -6.31 8.61 45.63
C ASN A 57 -5.29 9.76 45.65
N GLY A 58 -5.56 10.80 44.87
CA GLY A 58 -4.69 11.97 44.81
C GLY A 58 -3.34 11.69 44.23
N LYS A 59 -3.30 10.82 43.21
CA LYS A 59 -2.04 10.42 42.55
C LYS A 59 -1.03 9.86 43.56
N LYS A 60 -1.53 9.00 44.44
CA LYS A 60 -0.70 8.22 45.38
C LYS A 60 -1.13 6.76 45.28
N LEU A 61 -0.17 5.85 45.34
CA LEU A 61 -0.47 4.45 45.13
C LEU A 61 -1.60 4.02 46.06
N PRO A 62 -2.62 3.33 45.55
CA PRO A 62 -3.75 2.95 46.38
C PRO A 62 -3.36 1.96 47.46
N PRO A 63 -4.29 1.63 48.37
CA PRO A 63 -3.91 0.78 49.50
C PRO A 63 -3.54 -0.65 49.11
N GLY A 64 -2.38 -1.09 49.59
CA GLY A 64 -1.90 -2.44 49.36
C GLY A 64 -1.48 -2.77 47.94
N LEU A 65 -1.58 -1.84 47.01
CA LEU A 65 -1.10 -2.10 45.66
C LEU A 65 0.38 -2.37 45.67
N TRP A 66 1.13 -1.63 46.46
CA TRP A 66 2.57 -1.81 46.49
C TRP A 66 2.97 -3.21 47.00
N ASP A 67 2.39 -3.63 48.12
CA ASP A 67 2.57 -5.01 48.59
C ASP A 67 2.20 -6.01 47.51
N GLU A 68 1.15 -5.70 46.74
CA GLU A 68 0.74 -6.56 45.65
C GLU A 68 1.82 -6.61 44.58
N ILE A 69 2.42 -5.48 44.30
CA ILE A 69 3.52 -5.42 43.33
C ILE A 69 4.75 -6.18 43.83
N LEU A 70 5.15 -5.97 45.08
CA LEU A 70 6.28 -6.67 45.65
C LEU A 70 6.08 -8.18 45.61
N GLU A 71 4.87 -8.66 45.82
CA GLU A 71 4.59 -10.07 45.63
C GLU A 71 4.94 -10.53 44.22
N GLY A 72 4.61 -9.73 43.22
CA GLY A 72 4.94 -10.06 41.84
C GLY A 72 6.44 -9.99 41.57
N LEU A 73 7.13 -9.01 42.15
CA LEU A 73 8.58 -8.95 42.01
C LEU A 73 9.24 -10.20 42.56
N ARG A 74 8.74 -10.71 43.69
CA ARG A 74 9.29 -11.91 44.26
C ARG A 74 9.14 -13.09 43.32
N TYR A 75 8.03 -13.14 42.60
CA TYR A 75 7.86 -14.17 41.57
C TYR A 75 8.93 -14.06 40.49
N VAL A 76 9.15 -12.84 39.98
CA VAL A 76 10.13 -12.64 38.93
C VAL A 76 11.52 -12.92 39.45
N GLN A 77 11.80 -12.52 40.68
CA GLN A 77 13.11 -12.81 41.28
C GLN A 77 13.37 -14.31 41.39
N LYS A 78 12.35 -15.07 41.72
CA LYS A 78 12.50 -16.50 41.89
C LYS A 78 12.65 -17.22 40.57
N GLU A 79 11.86 -16.84 39.56
CA GLU A 79 11.98 -17.43 38.24
C GLU A 79 13.32 -17.19 37.61
N MET A 80 14.01 -16.12 38.00
CA MET A 80 15.30 -15.77 37.42
C MET A 80 16.49 -15.98 38.35
N SER A 81 16.25 -16.26 39.61
CA SER A 81 17.32 -16.40 40.57
C SER A 81 18.17 -15.14 40.62
N ALA A 82 17.52 -14.00 40.43
CA ALA A 82 18.16 -12.72 40.59
C ALA A 82 17.27 -11.87 41.49
N SER A 83 17.85 -10.82 42.05
CA SER A 83 17.11 -9.91 42.92
C SER A 83 17.55 -8.48 42.68
N LEU A 84 16.59 -7.57 42.80
CA LEU A 84 16.87 -6.16 42.63
C LEU A 84 18.00 -5.69 43.52
N GLY A 85 19.01 -5.04 42.94
CA GLY A 85 20.07 -4.41 43.72
C GLY A 85 21.24 -5.31 44.03
N ASP A 86 21.14 -6.62 43.80
CA ASP A 86 22.22 -7.55 44.12
C ASP A 86 23.32 -7.46 43.05
N PRO A 87 24.52 -6.96 43.41
CA PRO A 87 25.57 -6.86 42.40
C PRO A 87 26.00 -8.18 41.83
N SER A 88 25.91 -9.25 42.60
CA SER A 88 26.31 -10.58 42.09
C SER A 88 25.30 -11.14 41.07
N LYS A 89 24.00 -10.98 41.33
CA LYS A 89 22.96 -11.54 40.49
C LYS A 89 21.83 -10.53 40.43
N PRO A 90 22.06 -9.41 39.73
CA PRO A 90 21.06 -8.31 39.72
C PRO A 90 19.90 -8.58 38.82
N LEU A 91 18.70 -8.19 39.24
CA LEU A 91 17.52 -8.19 38.40
C LEU A 91 17.32 -6.80 37.83
N LEU A 92 17.33 -6.71 36.50
CA LEU A 92 17.09 -5.47 35.79
C LEU A 92 15.72 -5.55 35.11
N LEU A 93 15.00 -4.44 35.09
CA LEU A 93 13.63 -4.43 34.65
C LEU A 93 13.41 -3.43 33.53
N SER A 94 12.41 -3.72 32.69
CA SER A 94 11.89 -2.76 31.72
C SER A 94 10.53 -2.32 32.24
N VAL A 95 10.26 -1.02 32.11
CA VAL A 95 8.97 -0.45 32.48
C VAL A 95 8.33 0.11 31.24
N ARG A 96 7.13 -0.38 30.92
CA ARG A 96 6.39 0.04 29.73
C ARG A 96 4.96 0.40 30.09
N SER A 97 4.46 1.46 29.49
CA SER A 97 3.07 1.84 29.63
C SER A 97 2.26 1.21 28.51
N GLY A 98 0.96 1.09 28.73
CA GLY A 98 0.07 0.51 27.73
C GLY A 98 -1.37 0.58 28.14
N ALA A 99 -2.17 1.14 27.24
CA ALA A 99 -3.61 1.25 27.45
C ALA A 99 -4.31 0.20 26.61
N ALA A 100 -5.63 0.18 26.70
CA ALA A 100 -6.44 -0.74 25.94
C ALA A 100 -6.42 -0.49 24.43
N ILE A 101 -5.73 0.55 23.98
CA ILE A 101 -5.64 0.88 22.56
C ILE A 101 -4.45 1.84 22.39
N SER A 102 -3.87 1.85 21.20
CA SER A 102 -2.83 2.82 20.86
C SER A 102 -3.18 4.20 21.39
N MET A 103 -2.16 4.90 21.90
CA MET A 103 -2.39 6.10 22.68
C MET A 103 -1.12 6.96 22.68
N PRO A 104 -1.19 8.16 22.09
CA PRO A 104 -0.05 9.08 22.18
C PRO A 104 0.03 9.78 23.54
N GLY A 105 1.15 10.48 23.77
CA GLY A 105 1.37 11.17 25.02
C GLY A 105 1.61 10.26 26.21
N MET A 106 1.66 8.94 26.00
CA MET A 106 1.88 7.99 27.08
C MET A 106 3.35 7.89 27.40
N MET A 107 3.66 7.41 28.59
CA MET A 107 5.04 7.33 29.04
C MET A 107 5.85 6.39 28.15
N ASP A 108 7.06 6.83 27.77
CA ASP A 108 7.94 6.03 26.95
C ASP A 108 8.50 4.84 27.77
N THR A 109 9.02 3.85 27.05
CA THR A 109 9.64 2.72 27.68
C THR A 109 10.93 3.11 28.40
N VAL A 110 11.15 2.52 29.57
CA VAL A 110 12.38 2.73 30.32
C VAL A 110 13.04 1.39 30.53
N LEU A 111 14.30 1.27 30.09
CA LEU A 111 15.03 0.01 30.15
C LEU A 111 16.09 0.04 31.23
N ASN A 112 16.43 -1.16 31.71
CA ASN A 112 17.51 -1.36 32.68
C ASN A 112 17.25 -0.62 33.98
N LEU A 113 16.01 -0.65 34.43
CA LEU A 113 15.70 -0.13 35.76
C LEU A 113 16.29 -1.09 36.78
N GLY A 114 16.95 -0.54 37.78
CA GLY A 114 17.67 -1.33 38.78
C GLY A 114 19.19 -1.20 38.77
N LEU A 115 19.70 -0.25 37.98
CA LEU A 115 21.11 0.00 37.91
C LEU A 115 21.57 1.02 38.96
N ASN A 116 22.80 0.85 39.41
CA ASN A 116 23.48 1.80 40.25
C ASN A 116 24.95 1.44 40.26
N ASP A 117 25.78 2.27 40.89
CA ASP A 117 27.22 2.03 40.92
C ASP A 117 27.54 0.57 41.22
N GLU A 118 27.00 0.03 42.29
CA GLU A 118 27.29 -1.34 42.67
C GLU A 118 26.87 -2.33 41.58
N VAL A 119 25.60 -2.31 41.18
CA VAL A 119 25.09 -3.23 40.20
C VAL A 119 25.89 -3.12 38.91
N VAL A 120 26.13 -1.90 38.45
CA VAL A 120 26.81 -1.69 37.17
C VAL A 120 28.21 -2.27 37.23
N ALA A 121 28.86 -2.20 38.38
CA ALA A 121 30.16 -2.82 38.54
C ALA A 121 30.07 -4.32 38.29
N GLY A 122 29.12 -4.98 38.93
CA GLY A 122 28.89 -6.40 38.72
C GLY A 122 28.58 -6.74 37.29
N LEU A 123 27.77 -5.92 36.65
CA LEU A 123 27.40 -6.16 35.27
C LEU A 123 28.61 -6.08 34.33
N ALA A 124 29.54 -5.16 34.62
CA ALA A 124 30.75 -5.05 33.82
C ALA A 124 31.58 -6.31 33.87
N GLY A 125 31.38 -7.13 34.88
CA GLY A 125 32.09 -8.39 34.98
C GLY A 125 31.58 -9.45 34.05
N LYS A 126 30.39 -9.26 33.46
CA LYS A 126 29.81 -10.23 32.53
C LYS A 126 29.70 -9.69 31.13
N SER A 127 29.34 -8.45 31.00
CA SER A 127 29.40 -7.77 29.71
C SER A 127 30.70 -7.01 29.63
N GLY A 128 30.92 -6.33 28.53
CA GLY A 128 32.03 -5.36 28.55
C GLY A 128 31.86 -4.28 29.63
N ALA A 129 32.96 -3.75 30.15
CA ALA A 129 32.88 -2.53 30.92
C ALA A 129 32.17 -1.40 30.14
N ARG A 130 32.40 -1.31 28.83
CA ARG A 130 31.74 -0.30 28.01
C ARG A 130 30.24 -0.44 28.02
N PHE A 131 29.74 -1.66 27.83
CA PHE A 131 28.29 -1.88 27.81
C PHE A 131 27.64 -1.46 29.11
N ALA A 132 28.27 -1.80 30.22
CA ALA A 132 27.68 -1.53 31.53
C ALA A 132 27.58 -0.03 31.73
N TYR A 133 28.62 0.69 31.37
CA TYR A 133 28.60 2.13 31.55
C TYR A 133 27.75 2.82 30.50
N ASP A 134 27.82 2.37 29.25
CA ASP A 134 26.91 2.90 28.23
C ASP A 134 25.46 2.63 28.60
N SER A 135 25.17 1.49 29.18
CA SER A 135 23.82 1.18 29.65
C SER A 135 23.42 1.99 30.86
N TYR A 136 24.38 2.45 31.64
CA TYR A 136 24.10 3.26 32.80
C TYR A 136 23.74 4.70 32.40
N ARG A 137 24.56 5.34 31.58
CA ARG A 137 24.24 6.69 31.13
C ARG A 137 22.84 6.75 30.47
N ARG A 138 22.48 5.70 29.73
CA ARG A 138 21.21 5.66 29.04
C ARG A 138 20.06 5.58 30.00
N PHE A 139 20.24 4.80 31.05
CA PHE A 139 19.21 4.73 32.09
C PHE A 139 19.08 6.07 32.80
N LEU A 140 20.20 6.68 33.17
CA LEU A 140 20.16 7.96 33.87
C LEU A 140 19.44 9.00 33.02
N ASP A 141 19.74 9.03 31.73
CA ASP A 141 19.05 9.95 30.82
C ASP A 141 17.57 9.60 30.77
N MET A 142 17.25 8.38 30.33
CA MET A 142 15.84 7.98 30.17
C MET A 142 15.07 8.10 31.47
N PHE A 143 15.66 7.62 32.56
CA PHE A 143 14.99 7.67 33.83
C PHE A 143 14.78 9.12 34.29
N GLY A 144 15.85 9.91 34.25
CA GLY A 144 15.75 11.31 34.62
C GLY A 144 14.76 12.07 33.76
N ASN A 145 14.61 11.63 32.53
CA ASN A 145 13.70 12.28 31.60
C ASN A 145 12.27 11.78 31.74
N VAL A 146 12.07 10.51 31.50
CA VAL A 146 10.75 9.91 31.51
C VAL A 146 10.12 9.98 32.89
N VAL A 147 10.89 9.82 33.95
CA VAL A 147 10.34 9.68 35.29
C VAL A 147 10.55 10.94 36.14
N MET A 148 11.72 11.56 36.06
CA MET A 148 12.00 12.76 36.87
C MET A 148 11.67 14.07 36.16
N GLY A 149 11.22 14.02 34.91
CA GLY A 149 10.89 15.21 34.17
C GLY A 149 12.08 16.09 33.82
N ILE A 150 13.28 15.52 33.81
CA ILE A 150 14.47 16.29 33.39
C ILE A 150 14.54 16.30 31.88
N PRO A 151 14.59 17.48 31.24
CA PRO A 151 14.67 17.47 29.78
C PRO A 151 15.84 16.65 29.27
N HIS A 152 15.61 15.89 28.21
CA HIS A 152 16.66 15.07 27.61
C HIS A 152 17.86 15.94 27.20
N SER A 153 17.62 17.17 26.76
CA SER A 153 18.69 18.00 26.27
C SER A 153 19.73 18.33 27.31
N LEU A 154 19.39 18.23 28.59
CA LEU A 154 20.37 18.48 29.65
C LEU A 154 21.44 17.38 29.69
N PHE A 155 21.01 16.13 29.58
CA PHE A 155 21.95 15.03 29.49
C PHE A 155 22.74 15.09 28.20
N ASP A 156 22.06 15.23 27.08
CA ASP A 156 22.73 15.30 25.79
C ASP A 156 23.72 16.48 25.72
N GLU A 157 23.44 17.54 26.48
CA GLU A 157 24.37 18.67 26.56
C GLU A 157 25.73 18.23 27.07
N LYS A 158 25.74 17.53 28.20
CA LYS A 158 26.96 16.99 28.76
C LYS A 158 27.59 15.92 27.85
N LEU A 159 26.79 15.28 27.00
CA LEU A 159 27.32 14.34 26.04
C LEU A 159 28.09 15.02 24.92
N GLU A 160 27.48 16.01 24.28
CA GLU A 160 28.15 16.74 23.20
C GLU A 160 29.35 17.57 23.70
N GLU A 161 29.30 17.99 24.97
CA GLU A 161 30.45 18.66 25.58
C GLU A 161 31.66 17.75 25.58
N MET A 162 31.47 16.49 25.96
CA MET A 162 32.57 15.53 26.00
C MET A 162 33.02 15.15 24.59
N LYS A 163 32.08 14.89 23.69
CA LYS A 163 32.44 14.54 22.32
C LYS A 163 33.29 15.62 21.68
N ALA A 164 32.93 16.88 21.89
CA ALA A 164 33.68 18.01 21.34
C ALA A 164 35.01 18.20 22.05
N GLU A 165 35.05 17.98 23.37
CA GLU A 165 36.29 18.05 24.11
C GLU A 165 37.22 16.92 23.71
N LYS A 166 36.72 15.70 23.62
CA LYS A 166 37.52 14.58 23.13
C LYS A 166 37.84 14.76 21.65
N GLY A 167 36.90 15.31 20.90
CA GLY A 167 37.11 15.65 19.49
C GLY A 167 36.57 14.65 18.50
N VAL A 168 35.58 13.85 18.91
CA VAL A 168 35.06 12.78 18.07
C VAL A 168 33.59 13.04 17.72
N HIS A 169 33.16 12.49 16.59
CA HIS A 169 31.84 12.74 16.03
C HIS A 169 30.79 11.75 16.49
N LEU A 170 31.16 10.47 16.56
CA LEU A 170 30.19 9.41 16.89
C LEU A 170 30.28 9.01 18.36
N ASP A 171 29.14 8.58 18.91
CA ASP A 171 29.08 8.05 20.28
C ASP A 171 29.85 6.75 20.43
N THR A 172 29.78 5.91 19.41
CA THR A 172 30.45 4.61 19.41
C THR A 172 31.96 4.73 19.60
N ASP A 173 32.54 5.90 19.37
CA ASP A 173 33.96 6.12 19.53
C ASP A 173 34.36 6.78 20.86
N LEU A 174 33.47 6.76 21.84
CA LEU A 174 33.81 7.13 23.21
C LEU A 174 34.24 5.89 23.96
N THR A 175 35.38 5.95 24.63
CA THR A 175 35.89 4.78 25.34
C THR A 175 35.04 4.48 26.58
N ALA A 176 35.15 3.25 27.08
CA ALA A 176 34.47 2.87 28.30
C ALA A 176 34.90 3.78 29.46
N ALA A 177 36.15 4.21 29.45
CA ALA A 177 36.61 5.14 30.46
C ALA A 177 35.85 6.48 30.35
N ASP A 178 35.63 6.93 29.11
CA ASP A 178 34.88 8.14 28.88
C ASP A 178 33.47 7.98 29.40
N LEU A 179 32.82 6.86 29.10
CA LEU A 179 31.45 6.65 29.51
C LEU A 179 31.33 6.58 31.02
N LYS A 180 32.35 6.05 31.70
CA LYS A 180 32.34 6.01 33.15
C LYS A 180 32.35 7.43 33.74
N ASP A 181 33.14 8.32 33.15
CA ASP A 181 33.14 9.73 33.56
C ASP A 181 31.83 10.40 33.17
N LEU A 182 31.31 10.05 31.99
CA LEU A 182 30.05 10.60 31.55
C LEU A 182 28.89 10.21 32.48
N VAL A 183 28.95 9.01 33.04
CA VAL A 183 27.94 8.58 34.00
C VAL A 183 27.81 9.59 35.16
N GLU A 184 28.96 10.01 35.71
CA GLU A 184 28.95 10.87 36.89
C GLU A 184 28.39 12.23 36.55
N GLN A 185 28.59 12.64 35.30
CA GLN A 185 28.06 13.94 34.86
C GLN A 185 26.54 13.89 34.76
N TYR A 186 26.01 12.78 34.26
CA TYR A 186 24.57 12.58 34.23
C TYR A 186 23.99 12.58 35.65
N LYS A 187 24.69 11.98 36.59
CA LYS A 187 24.22 11.95 37.97
C LYS A 187 24.15 13.35 38.54
N ASN A 188 25.01 14.26 38.07
CA ASN A 188 24.98 15.65 38.52
C ASN A 188 23.85 16.46 37.93
N VAL A 189 23.45 16.13 36.71
CA VAL A 189 22.31 16.81 36.11
C VAL A 189 21.08 16.67 37.02
N TYR A 190 20.98 15.55 37.73
CA TYR A 190 19.88 15.38 38.68
C TYR A 190 19.89 16.48 39.74
N VAL A 191 21.06 16.75 40.28
CA VAL A 191 21.20 17.77 41.33
C VAL A 191 21.01 19.16 40.75
N GLU A 192 21.73 19.47 39.68
CA GLU A 192 21.66 20.78 39.05
C GLU A 192 20.24 21.17 38.68
N ALA A 193 19.51 20.27 38.03
CA ALA A 193 18.20 20.56 37.46
C ALA A 193 17.04 20.33 38.43
N LYS A 194 17.27 19.60 39.53
CA LYS A 194 16.16 19.25 40.42
C LYS A 194 16.44 19.38 41.91
N GLY A 195 17.70 19.48 42.31
CA GLY A 195 18.03 19.43 43.72
C GLY A 195 17.78 18.09 44.39
N GLU A 196 17.39 17.07 43.61
CA GLU A 196 17.23 15.70 44.09
C GLU A 196 18.15 14.82 43.31
N LYS A 197 18.93 14.00 44.00
CA LYS A 197 19.92 13.13 43.32
C LYS A 197 19.28 11.89 42.76
N PHE A 198 19.98 11.26 41.84
CA PHE A 198 19.52 10.01 41.25
C PHE A 198 19.24 8.99 42.35
N PRO A 199 18.08 8.35 42.36
CA PRO A 199 17.81 7.33 43.36
C PRO A 199 18.50 6.02 43.04
N THR A 200 19.24 5.47 44.00
CA THR A 200 20.06 4.30 43.79
C THR A 200 19.37 3.00 44.20
N ASP A 201 18.32 3.07 45.00
CA ASP A 201 17.60 1.86 45.40
C ASP A 201 16.64 1.46 44.27
N PRO A 202 16.84 0.29 43.65
CA PRO A 202 15.94 -0.12 42.58
C PRO A 202 14.47 -0.07 42.96
N LYS A 203 14.12 -0.48 44.17
CA LYS A 203 12.72 -0.40 44.60
C LYS A 203 12.17 1.04 44.58
N LYS A 204 12.98 2.01 45.03
CA LYS A 204 12.61 3.42 44.91
C LYS A 204 12.45 3.79 43.44
N GLN A 205 13.38 3.37 42.60
CA GLN A 205 13.29 3.65 41.16
C GLN A 205 12.01 3.10 40.56
N LEU A 206 11.57 1.93 41.01
CA LEU A 206 10.37 1.31 40.47
C LEU A 206 9.10 2.05 40.91
N GLU A 207 9.00 2.36 42.20
CA GLU A 207 7.86 3.11 42.70
C GLU A 207 7.70 4.43 41.93
N LEU A 208 8.79 5.18 41.78
CA LEU A 208 8.74 6.42 41.01
C LEU A 208 8.30 6.16 39.58
N ALA A 209 8.80 5.07 38.98
CA ALA A 209 8.42 4.72 37.60
C ALA A 209 6.94 4.35 37.47
N VAL A 210 6.41 3.66 38.48
CA VAL A 210 5.00 3.29 38.47
C VAL A 210 4.14 4.56 38.53
N ASN A 211 4.53 5.51 39.38
CA ASN A 211 3.80 6.78 39.47
C ASN A 211 3.84 7.54 38.15
N ALA A 212 5.02 7.61 37.54
CA ALA A 212 5.16 8.29 36.26
C ALA A 212 4.23 7.73 35.19
N VAL A 213 4.11 6.40 35.12
CA VAL A 213 3.26 5.78 34.11
C VAL A 213 1.81 6.20 34.34
N PHE A 214 1.32 6.07 35.58
CA PHE A 214 -0.02 6.52 35.90
C PHE A 214 -0.18 8.01 35.61
N ASP A 215 0.80 8.81 36.00
CA ASP A 215 0.74 10.24 35.77
C ASP A 215 0.61 10.59 34.27
N SER A 216 1.40 9.92 33.43
CA SER A 216 1.38 10.18 31.99
C SER A 216 -0.02 10.02 31.39
N TRP A 217 -0.84 9.14 31.94
CA TRP A 217 -2.20 8.97 31.43
C TRP A 217 -2.98 10.26 31.53
N ASP A 218 -2.85 10.97 32.65
CA ASP A 218 -3.54 12.26 32.87
C ASP A 218 -2.70 13.45 32.36
N SER A 219 -1.88 13.24 31.34
CA SER A 219 -1.02 14.28 30.82
C SER A 219 -1.79 15.16 29.86
N PRO A 220 -1.28 16.37 29.58
CA PRO A 220 -1.97 17.21 28.59
C PRO A 220 -1.92 16.60 27.19
N ARG A 221 -0.77 16.02 26.81
CA ARG A 221 -0.62 15.37 25.51
C ARG A 221 -1.65 14.24 25.37
N ALA A 222 -1.89 13.52 26.46
CA ALA A 222 -2.82 12.39 26.44
C ALA A 222 -4.28 12.87 26.36
N ASN A 223 -4.66 13.76 27.28
CA ASN A 223 -6.02 14.27 27.30
C ASN A 223 -6.36 14.93 25.97
N LYS A 224 -5.39 15.63 25.36
CA LYS A 224 -5.63 16.30 24.06
C LYS A 224 -6.07 15.30 23.00
N TYR A 225 -5.53 14.08 23.01
CA TYR A 225 -5.94 13.03 22.05
C TYR A 225 -7.34 12.51 22.34
N ARG A 226 -7.55 12.02 23.56
CA ARG A 226 -8.83 11.38 23.89
C ARG A 226 -10.00 12.32 23.69
N SER A 227 -9.79 13.61 23.92
CA SER A 227 -10.85 14.60 23.68
C SER A 227 -11.13 14.79 22.18
N ILE A 228 -10.08 14.81 21.38
CA ILE A 228 -10.21 14.93 19.92
C ILE A 228 -11.04 13.77 19.38
N ASN A 229 -10.65 12.55 19.75
CA ASN A 229 -11.27 11.35 19.21
C ASN A 229 -12.57 10.90 19.90
N GLN A 230 -13.22 11.77 20.70
CA GLN A 230 -14.52 11.47 21.33
C GLN A 230 -14.55 10.05 21.97
N ILE A 231 -13.45 9.66 22.64
CA ILE A 231 -13.31 8.31 23.22
C ILE A 231 -13.49 8.39 24.73
N THR A 232 -14.64 7.94 25.21
CA THR A 232 -14.92 7.91 26.64
C THR A 232 -14.65 6.50 27.17
N GLY A 233 -14.82 6.36 28.48
CA GLY A 233 -14.88 5.06 29.13
C GLY A 233 -13.57 4.32 29.24
N LEU A 234 -12.46 5.03 29.44
CA LEU A 234 -11.19 4.34 29.73
C LEU A 234 -10.70 4.75 31.13
N LYS A 235 -10.31 3.75 31.91
CA LYS A 235 -9.97 3.98 33.30
C LYS A 235 -8.55 4.53 33.40
N GLY A 236 -7.64 3.99 32.58
CA GLY A 236 -6.24 4.39 32.66
C GLY A 236 -5.34 3.51 31.83
N THR A 237 -4.05 3.57 32.15
CA THR A 237 -3.05 2.78 31.49
C THR A 237 -2.52 1.73 32.47
N ALA A 238 -2.18 0.56 31.96
CA ALA A 238 -1.54 -0.47 32.74
C ALA A 238 -0.04 -0.26 32.72
N VAL A 239 0.65 -0.84 33.70
CA VAL A 239 2.10 -0.79 33.76
C VAL A 239 2.61 -2.19 33.51
N ASN A 240 3.55 -2.33 32.56
CA ASN A 240 4.12 -3.63 32.19
C ASN A 240 5.57 -3.64 32.61
N ILE A 241 5.89 -4.41 33.65
CA ILE A 241 7.24 -4.56 34.18
C ILE A 241 7.75 -5.92 33.80
N GLN A 242 8.87 -5.95 33.09
CA GLN A 242 9.42 -7.22 32.57
C GLN A 242 10.91 -7.26 32.81
N CYS A 243 11.43 -8.46 32.97
CA CYS A 243 12.81 -8.67 33.27
C CYS A 243 13.66 -8.48 32.02
N MET A 244 14.80 -7.81 32.19
CA MET A 244 15.76 -7.60 31.10
C MET A 244 16.65 -8.83 30.94
N VAL A 245 16.89 -9.21 29.71
CA VAL A 245 17.79 -10.32 29.35
C VAL A 245 18.78 -9.82 28.30
N PHE A 246 19.99 -10.34 28.31
CA PHE A 246 21.05 -9.83 27.46
C PHE A 246 21.75 -10.97 26.75
N GLY A 247 22.22 -10.71 25.55
CA GLY A 247 22.92 -11.70 24.76
C GLY A 247 24.42 -11.49 24.71
N ASN A 248 24.96 -10.64 25.57
CA ASN A 248 26.39 -10.35 25.58
C ASN A 248 26.97 -10.65 26.95
N MET A 249 26.41 -11.66 27.62
CA MET A 249 26.88 -12.07 28.94
C MET A 249 27.91 -13.19 28.89
N GLY A 250 28.48 -13.48 27.72
CA GLY A 250 29.49 -14.51 27.57
C GLY A 250 29.23 -15.37 26.35
N ASN A 251 29.99 -16.46 26.25
CA ASN A 251 29.89 -17.37 25.10
C ASN A 251 28.69 -18.32 25.14
N THR A 252 27.98 -18.38 26.26
CA THR A 252 26.73 -19.12 26.36
C THR A 252 25.53 -18.28 26.00
N SER A 253 25.75 -17.06 25.48
CA SER A 253 24.67 -16.12 25.23
C SER A 253 24.80 -15.54 23.84
N GLY A 254 23.69 -15.04 23.31
CA GLY A 254 23.72 -14.41 22.01
C GLY A 254 22.37 -13.81 21.65
N THR A 255 22.33 -13.13 20.52
CA THR A 255 21.14 -12.46 20.03
C THR A 255 20.92 -12.84 18.58
N GLY A 256 19.67 -13.06 18.21
CA GLY A 256 19.34 -13.40 16.85
C GLY A 256 17.95 -12.94 16.43
N VAL A 257 17.71 -13.04 15.13
CA VAL A 257 16.40 -12.74 14.54
C VAL A 257 16.11 -13.77 13.46
N LEU A 258 14.84 -14.05 13.23
CA LEU A 258 14.44 -15.01 12.21
C LEU A 258 13.02 -14.78 11.78
N PHE A 259 12.72 -15.20 10.56
CA PHE A 259 11.34 -15.42 10.13
C PHE A 259 11.08 -16.91 10.20
N THR A 260 9.92 -17.30 10.72
CA THR A 260 9.59 -18.71 10.82
C THR A 260 9.53 -19.42 9.46
N ARG A 261 9.41 -18.65 8.37
CA ARG A 261 9.59 -19.18 7.01
C ARG A 261 10.32 -18.16 6.18
N ASN A 262 10.81 -18.56 5.03
CA ASN A 262 11.57 -17.66 4.17
C ASN A 262 10.66 -16.54 3.66
N PRO A 263 11.05 -15.28 3.85
CA PRO A 263 10.19 -14.17 3.42
C PRO A 263 10.28 -13.83 1.93
N SER A 264 11.29 -14.33 1.23
CA SER A 264 11.41 -14.14 -0.22
C SER A 264 10.86 -15.29 -1.07
N THR A 265 10.87 -16.51 -0.54
CA THR A 265 10.47 -17.69 -1.28
C THR A 265 9.34 -18.45 -0.65
N GLY A 266 9.16 -18.32 0.65
CA GLY A 266 8.06 -18.99 1.35
C GLY A 266 8.37 -20.41 1.81
N GLU A 267 9.61 -20.88 1.61
CA GLU A 267 9.98 -22.22 2.07
C GLU A 267 9.72 -22.34 3.56
N LYS A 268 9.19 -23.49 3.98
CA LYS A 268 8.90 -23.76 5.38
C LYS A 268 10.23 -24.18 6.03
N LYS A 269 11.12 -23.20 6.18
CA LYS A 269 12.37 -23.33 6.92
C LYS A 269 12.59 -22.03 7.68
N LEU A 270 13.00 -22.14 8.93
CA LEU A 270 13.45 -20.98 9.67
C LEU A 270 14.50 -20.24 8.85
N TYR A 271 14.50 -18.91 8.96
CA TYR A 271 15.34 -18.05 8.14
C TYR A 271 15.78 -16.88 8.97
N GLY A 272 17.05 -16.85 9.35
CA GLY A 272 17.53 -15.78 10.18
C GLY A 272 19.00 -15.81 10.48
N GLU A 273 19.39 -14.99 11.47
CA GLU A 273 20.77 -14.83 11.88
C GLU A 273 20.89 -14.98 13.39
N PHE A 274 22.11 -15.20 13.86
CA PHE A 274 22.39 -15.33 15.29
C PHE A 274 23.83 -14.92 15.54
N LEU A 275 24.05 -14.17 16.61
CA LEU A 275 25.37 -13.64 16.97
C LEU A 275 25.63 -14.00 18.41
N VAL A 276 26.80 -14.55 18.67
CA VAL A 276 27.14 -14.99 20.00
C VAL A 276 27.77 -13.83 20.73
N ASN A 277 27.37 -13.62 21.98
CA ASN A 277 27.97 -12.60 22.83
C ASN A 277 27.86 -11.20 22.22
N ALA A 278 26.61 -10.78 22.00
CA ALA A 278 26.32 -9.49 21.38
C ALA A 278 24.88 -9.08 21.63
N GLN A 279 24.54 -7.86 21.21
CA GLN A 279 23.19 -7.32 21.35
C GLN A 279 22.63 -7.03 19.97
N GLY A 280 21.30 -6.93 19.89
CA GLY A 280 20.64 -6.61 18.64
C GLY A 280 21.25 -5.41 17.95
N GLU A 281 21.66 -4.40 18.71
CA GLU A 281 22.26 -3.19 18.15
C GLU A 281 23.54 -3.50 17.39
N ASP A 282 24.35 -4.41 17.92
CA ASP A 282 25.61 -4.79 17.27
C ASP A 282 25.37 -5.42 15.89
N VAL A 283 24.21 -6.08 15.71
CA VAL A 283 23.83 -6.69 14.43
C VAL A 283 23.62 -5.59 13.38
N VAL A 284 22.51 -4.86 13.54
CA VAL A 284 22.09 -3.86 12.57
C VAL A 284 23.00 -2.62 12.49
N ALA A 285 23.85 -2.41 13.48
CA ALA A 285 24.81 -1.32 13.41
C ALA A 285 25.92 -1.63 12.42
N GLY A 286 26.25 -2.91 12.21
CA GLY A 286 27.35 -3.31 11.33
C GLY A 286 28.73 -3.43 12.01
N ILE A 287 28.83 -3.15 13.31
CA ILE A 287 30.05 -3.44 14.08
C ILE A 287 30.57 -4.89 13.92
N ARG A 288 29.66 -5.86 13.73
CA ARG A 288 30.03 -7.28 13.57
C ARG A 288 29.02 -8.02 12.70
N THR A 289 29.47 -9.11 12.09
CA THR A 289 28.67 -9.87 11.12
C THR A 289 27.95 -11.05 11.80
N PRO A 290 26.64 -11.18 11.59
CA PRO A 290 25.93 -12.34 12.14
C PRO A 290 26.29 -13.64 11.45
N GLU A 291 25.63 -14.73 11.84
CA GLU A 291 25.80 -16.04 11.22
C GLU A 291 24.46 -16.73 11.09
N ASP A 292 24.33 -17.65 10.13
CA ASP A 292 23.07 -18.32 9.92
C ASP A 292 22.68 -19.14 11.16
N LEU A 293 21.37 -19.32 11.35
CA LEU A 293 20.84 -20.09 12.47
C LEU A 293 21.52 -21.44 12.64
N ALA A 294 21.84 -22.10 11.54
CA ALA A 294 22.48 -23.42 11.60
C ALA A 294 23.61 -23.46 12.64
N THR A 295 24.38 -22.38 12.72
CA THR A 295 25.45 -22.29 13.71
C THR A 295 24.94 -22.49 15.14
N MET A 296 23.84 -21.82 15.48
CA MET A 296 23.26 -21.93 16.82
C MET A 296 22.96 -23.37 17.17
N GLU A 297 22.39 -24.11 16.22
CA GLU A 297 22.00 -25.50 16.47
C GLU A 297 23.20 -26.35 16.89
N THR A 298 24.35 -26.09 16.29
CA THR A 298 25.53 -26.91 16.50
C THR A 298 26.37 -26.52 17.71
N CYS A 299 26.17 -25.32 18.25
CA CYS A 299 26.90 -24.86 19.45
C CYS A 299 26.00 -24.59 20.67
N MET A 300 24.70 -24.39 20.46
CA MET A 300 23.75 -24.25 21.56
C MET A 300 22.54 -25.14 21.25
N PRO A 301 22.70 -26.45 21.39
CA PRO A 301 21.66 -27.37 20.93
C PRO A 301 20.35 -27.25 21.71
N GLU A 302 20.42 -27.17 23.04
CA GLU A 302 19.21 -27.11 23.85
C GLU A 302 18.49 -25.79 23.57
N ALA A 303 19.23 -24.69 23.46
CA ALA A 303 18.60 -23.40 23.16
C ALA A 303 17.92 -23.41 21.80
N TYR A 304 18.52 -24.09 20.85
CA TYR A 304 17.94 -24.14 19.51
C TYR A 304 16.66 -24.94 19.48
N ARG A 305 16.63 -26.07 20.19
CA ARG A 305 15.42 -26.88 20.24
C ARG A 305 14.25 -26.07 20.82
N GLU A 306 14.50 -25.40 21.93
CA GLU A 306 13.48 -24.53 22.54
C GLU A 306 13.03 -23.44 21.56
N LEU A 307 13.96 -22.90 20.77
CA LEU A 307 13.59 -21.97 19.73
C LEU A 307 12.70 -22.60 18.69
N VAL A 308 13.05 -23.79 18.23
CA VAL A 308 12.26 -24.49 17.26
C VAL A 308 10.84 -24.69 17.78
N GLU A 309 10.74 -25.02 19.06
CA GLU A 309 9.44 -25.29 19.68
C GLU A 309 8.66 -24.01 19.86
N ASN A 310 9.35 -22.95 20.22
CA ASN A 310 8.74 -21.63 20.28
C ASN A 310 8.15 -21.22 18.93
N CYS A 311 8.86 -21.53 17.84
CA CYS A 311 8.40 -21.13 16.52
C CYS A 311 7.19 -21.97 16.12
N LYS A 312 7.19 -23.24 16.50
CA LYS A 312 6.02 -24.09 16.21
C LYS A 312 4.80 -23.54 16.89
N ILE A 313 4.94 -23.17 18.16
CA ILE A 313 3.82 -22.60 18.93
C ILE A 313 3.29 -21.33 18.25
N LEU A 314 4.20 -20.46 17.83
CA LEU A 314 3.80 -19.23 17.14
C LEU A 314 2.89 -19.49 15.95
N GLU A 315 3.37 -20.28 15.00
CA GLU A 315 2.58 -20.58 13.81
C GLU A 315 1.30 -21.34 14.17
N ARG A 316 1.34 -22.15 15.21
CA ARG A 316 0.16 -22.88 15.63
C ARG A 316 -0.89 -21.97 16.25
N HIS A 317 -0.47 -20.94 16.96
CA HIS A 317 -1.39 -20.01 17.61
C HIS A 317 -1.79 -18.84 16.73
N TYR A 318 -0.81 -18.19 16.12
CA TYR A 318 -1.07 -17.04 15.26
C TYR A 318 -1.46 -17.45 13.86
N LYS A 319 -1.27 -18.72 13.49
CA LYS A 319 -1.70 -19.23 12.17
C LYS A 319 -1.09 -18.44 11.02
N ASP A 320 0.16 -18.03 11.18
CA ASP A 320 0.82 -17.19 10.16
C ASP A 320 2.33 -17.19 10.39
N MET A 321 3.06 -16.80 9.37
CA MET A 321 4.50 -16.66 9.48
C MET A 321 4.86 -15.46 10.33
N MET A 322 5.83 -15.65 11.22
CA MET A 322 6.15 -14.67 12.25
C MET A 322 7.60 -14.19 12.14
N ASP A 323 7.81 -12.89 12.35
CA ASP A 323 9.12 -12.26 12.39
C ASP A 323 9.43 -12.01 13.86
N ILE A 324 10.45 -12.69 14.39
CA ILE A 324 10.70 -12.66 15.80
C ILE A 324 12.07 -12.09 16.13
N GLU A 325 12.29 -11.88 17.42
CA GLU A 325 13.56 -11.39 17.97
C GLU A 325 13.80 -12.16 19.25
N PHE A 326 14.90 -12.89 19.32
CA PHE A 326 15.19 -13.75 20.48
C PHE A 326 16.61 -13.51 20.91
N THR A 327 16.87 -13.79 22.19
CA THR A 327 18.21 -13.73 22.74
C THR A 327 18.41 -14.89 23.70
N VAL A 328 19.57 -15.52 23.62
CA VAL A 328 19.96 -16.58 24.53
C VAL A 328 20.84 -15.93 25.57
N GLN A 329 20.45 -16.07 26.83
CA GLN A 329 21.20 -15.52 27.94
C GLN A 329 21.65 -16.66 28.82
N GLU A 330 22.96 -16.93 28.80
CA GLU A 330 23.53 -18.03 29.56
C GLU A 330 22.71 -19.31 29.36
N ASN A 331 22.54 -19.68 28.10
CA ASN A 331 21.90 -20.94 27.70
C ASN A 331 20.42 -21.04 27.91
N ARG A 332 19.75 -19.92 28.18
CA ARG A 332 18.29 -19.90 28.27
C ARG A 332 17.75 -19.09 27.11
N LEU A 333 16.87 -19.69 26.33
CA LEU A 333 16.26 -18.97 25.21
C LEU A 333 15.17 -18.04 25.75
N TRP A 334 15.18 -16.80 25.27
CA TRP A 334 14.20 -15.80 25.68
C TRP A 334 13.57 -15.17 24.44
N MET A 335 12.24 -15.14 24.40
CA MET A 335 11.50 -14.58 23.31
C MET A 335 11.21 -13.13 23.63
N LEU A 336 11.61 -12.22 22.74
CA LEU A 336 11.50 -10.78 22.96
C LEU A 336 10.40 -10.14 22.18
N GLN A 337 10.36 -10.32 20.87
CA GLN A 337 9.34 -9.70 20.01
C GLN A 337 8.93 -10.65 18.93
N CYS A 338 7.64 -10.65 18.62
CA CYS A 338 7.11 -11.41 17.52
C CYS A 338 6.03 -10.60 16.83
N ARG A 339 5.92 -10.76 15.52
CA ARG A 339 4.98 -10.02 14.71
C ARG A 339 4.86 -10.72 13.37
N THR A 340 3.71 -10.59 12.72
CA THR A 340 3.53 -11.21 11.43
C THR A 340 4.62 -10.64 10.52
N GLY A 341 5.36 -11.51 9.85
CA GLY A 341 6.54 -11.08 9.13
C GLY A 341 6.22 -10.62 7.73
N LYS A 342 6.83 -9.52 7.31
CA LYS A 342 6.69 -9.07 5.97
C LYS A 342 7.23 -10.11 4.96
N ARG A 343 6.52 -10.27 3.84
CA ARG A 343 6.83 -11.22 2.81
C ARG A 343 6.95 -10.50 1.49
N THR A 344 7.50 -11.19 0.51
CA THR A 344 7.43 -10.76 -0.88
C THR A 344 6.14 -11.30 -1.48
N GLY A 345 5.81 -10.80 -2.67
CA GLY A 345 4.63 -11.29 -3.38
C GLY A 345 4.71 -12.79 -3.59
N LYS A 346 5.85 -13.25 -4.10
CA LYS A 346 6.08 -14.69 -4.32
C LYS A 346 6.00 -15.45 -3.02
N GLY A 347 6.62 -14.92 -1.97
CA GLY A 347 6.55 -15.56 -0.67
C GLY A 347 5.17 -15.57 -0.02
N ALA A 348 4.31 -14.66 -0.42
CA ALA A 348 2.99 -14.59 0.19
C ALA A 348 2.11 -15.73 -0.31
N VAL A 349 2.12 -15.99 -1.62
CA VAL A 349 1.25 -17.03 -2.16
C VAL A 349 1.77 -18.42 -1.75
N ARG A 350 3.09 -18.59 -1.76
CA ARG A 350 3.70 -19.84 -1.31
C ARG A 350 3.28 -20.19 0.11
N ILE A 351 3.43 -19.21 1.00
CA ILE A 351 3.09 -19.43 2.41
C ILE A 351 1.58 -19.58 2.55
N ALA A 352 0.82 -18.85 1.74
CA ALA A 352 -0.65 -18.92 1.84
C ALA A 352 -1.13 -20.31 1.51
N VAL A 353 -0.63 -20.86 0.41
CA VAL A 353 -1.08 -22.17 -0.05
C VAL A 353 -0.50 -23.28 0.84
N ASP A 354 0.77 -23.17 1.20
CA ASP A 354 1.38 -24.19 2.06
C ASP A 354 0.60 -24.36 3.37
N MET A 355 0.19 -23.24 3.97
CA MET A 355 -0.56 -23.31 5.22
C MET A 355 -1.97 -23.90 5.03
N VAL A 356 -2.51 -23.80 3.82
CA VAL A 356 -3.78 -24.47 3.51
C VAL A 356 -3.59 -25.97 3.38
N ASN A 357 -2.60 -26.38 2.59
CA ASN A 357 -2.24 -27.82 2.49
C ASN A 357 -1.91 -28.38 3.84
N GLU A 358 -1.27 -27.58 4.70
CA GLU A 358 -0.99 -28.00 6.07
C GLU A 358 -2.22 -28.06 6.97
N GLY A 359 -3.37 -27.57 6.50
CA GLY A 359 -4.58 -27.50 7.31
C GLY A 359 -4.45 -26.51 8.47
N LEU A 360 -3.51 -25.57 8.37
CA LEU A 360 -3.34 -24.55 9.38
C LEU A 360 -4.36 -23.44 9.22
N ILE A 361 -4.65 -23.01 7.98
CA ILE A 361 -5.69 -22.04 7.69
C ILE A 361 -6.59 -22.56 6.58
N ASP A 362 -7.80 -22.02 6.50
CA ASP A 362 -8.70 -22.36 5.37
C ASP A 362 -8.40 -21.45 4.17
N THR A 363 -9.12 -21.68 3.08
CA THR A 363 -8.92 -20.84 1.89
C THR A 363 -9.38 -19.40 2.11
N ARG A 364 -10.48 -19.23 2.81
CA ARG A 364 -10.98 -17.89 3.06
C ARG A 364 -9.90 -17.04 3.76
N THR A 365 -9.30 -17.57 4.82
CA THR A 365 -8.21 -16.88 5.46
C THR A 365 -7.07 -16.61 4.48
N ALA A 366 -6.68 -17.63 3.73
CA ALA A 366 -5.56 -17.50 2.80
C ALA A 366 -5.76 -16.37 1.81
N ILE A 367 -7.00 -16.17 1.37
CA ILE A 367 -7.29 -15.11 0.40
C ILE A 367 -6.95 -13.72 0.95
N LYS A 368 -7.07 -13.51 2.26
CA LYS A 368 -6.69 -12.23 2.88
C LYS A 368 -5.27 -12.24 3.39
N ARG A 369 -4.49 -13.28 3.10
CA ARG A 369 -3.08 -13.32 3.44
C ARG A 369 -2.17 -12.88 2.30
N VAL A 370 -2.76 -12.57 1.15
CA VAL A 370 -2.01 -12.10 0.00
C VAL A 370 -2.58 -10.74 -0.37
N GLU A 371 -1.83 -9.69 -0.09
CA GLU A 371 -2.26 -8.34 -0.39
C GLU A 371 -2.31 -8.11 -1.89
N THR A 372 -3.17 -7.20 -2.33
CA THR A 372 -3.20 -6.87 -3.73
C THR A 372 -1.83 -6.44 -4.24
N GLN A 373 -1.01 -5.87 -3.36
CA GLN A 373 0.35 -5.45 -3.75
C GLN A 373 1.26 -6.63 -3.86
N HIS A 374 1.06 -7.63 -3.00
CA HIS A 374 1.78 -8.90 -3.13
C HIS A 374 1.55 -9.51 -4.52
N LEU A 375 0.26 -9.64 -4.89
CA LEU A 375 -0.07 -10.14 -6.22
C LEU A 375 0.49 -9.23 -7.29
N ASP A 376 0.47 -7.94 -7.07
CA ASP A 376 0.98 -7.00 -8.06
C ASP A 376 2.44 -7.27 -8.36
N GLN A 377 3.22 -7.62 -7.33
CA GLN A 377 4.62 -7.96 -7.55
C GLN A 377 4.79 -9.08 -8.58
N LEU A 378 3.88 -10.06 -8.55
CA LEU A 378 3.94 -11.20 -9.44
C LEU A 378 3.48 -10.89 -10.87
N LEU A 379 2.72 -9.82 -11.05
CA LEU A 379 2.31 -9.44 -12.39
C LEU A 379 3.35 -8.58 -13.13
N HIS A 380 4.50 -8.31 -12.51
CA HIS A 380 5.50 -7.41 -13.07
C HIS A 380 6.82 -8.11 -13.10
N PRO A 381 7.82 -7.54 -13.80
CA PRO A 381 9.17 -8.09 -13.68
C PRO A 381 9.65 -8.08 -12.23
N GLN A 382 10.58 -8.97 -11.91
CA GLN A 382 11.05 -9.13 -10.55
C GLN A 382 12.56 -9.37 -10.54
N PHE A 383 13.18 -9.08 -9.40
CA PHE A 383 14.60 -9.35 -9.23
C PHE A 383 14.82 -10.84 -8.88
N GLU A 384 15.74 -11.51 -9.59
CA GLU A 384 16.02 -12.95 -9.41
C GLU A 384 16.19 -13.27 -7.91
N ASN A 385 17.16 -12.58 -7.30
CA ASN A 385 17.54 -12.86 -5.91
C ASN A 385 17.40 -11.57 -5.09
N PRO A 386 16.30 -11.45 -4.30
CA PRO A 386 16.09 -10.18 -3.56
C PRO A 386 17.22 -9.83 -2.57
N SER A 387 17.79 -10.83 -1.92
CA SER A 387 18.79 -10.56 -0.89
C SER A 387 20.24 -10.64 -1.38
N ALA A 388 20.47 -11.12 -2.60
CA ALA A 388 21.83 -11.14 -3.15
C ALA A 388 22.39 -9.73 -3.35
N TYR A 389 21.50 -8.76 -3.55
CA TYR A 389 21.89 -7.35 -3.64
C TYR A 389 21.81 -6.58 -2.32
N LYS A 390 21.34 -7.20 -1.22
CA LYS A 390 21.26 -6.54 0.08
C LYS A 390 22.52 -5.73 0.40
N SER A 391 23.68 -6.19 -0.09
CA SER A 391 24.95 -5.46 0.04
C SER A 391 25.06 -4.21 -0.85
N HIS A 392 24.24 -4.10 -1.89
CA HIS A 392 24.32 -3.00 -2.85
C HIS A 392 23.23 -1.94 -2.67
N VAL A 393 22.33 -2.13 -1.71
CA VAL A 393 21.26 -1.15 -1.46
C VAL A 393 21.85 0.10 -0.81
N VAL A 394 21.65 1.25 -1.46
CA VAL A 394 22.20 2.53 -1.00
C VAL A 394 21.17 3.40 -0.26
N ALA A 395 19.88 3.15 -0.49
CA ALA A 395 18.81 3.85 0.21
C ALA A 395 17.50 3.16 -0.09
N THR A 396 16.51 3.42 0.74
CA THR A 396 15.20 2.83 0.58
C THR A 396 14.14 3.91 0.80
N GLY A 397 13.40 4.22 -0.27
CA GLY A 397 12.31 5.19 -0.21
C GLY A 397 10.97 4.52 -0.05
N LEU A 398 9.96 5.09 -0.66
CA LEU A 398 8.61 4.56 -0.56
C LEU A 398 8.27 3.69 -1.77
N PRO A 399 7.62 2.54 -1.53
CA PRO A 399 7.22 1.71 -2.68
C PRO A 399 6.04 2.30 -3.44
N ALA A 400 6.31 3.30 -4.28
CA ALA A 400 5.24 4.02 -5.00
C ALA A 400 4.43 3.08 -5.90
N SER A 401 5.10 2.52 -6.91
CA SER A 401 4.45 1.62 -7.87
C SER A 401 5.23 0.31 -7.92
N PRO A 402 4.60 -0.82 -7.56
CA PRO A 402 5.35 -2.09 -7.55
C PRO A 402 5.97 -2.42 -8.91
N GLY A 403 7.07 -3.13 -8.86
CA GLY A 403 7.77 -3.52 -10.08
C GLY A 403 9.27 -3.51 -9.90
N ALA A 404 9.98 -3.81 -10.97
CA ALA A 404 11.45 -3.79 -10.94
C ALA A 404 11.95 -3.30 -12.29
N ALA A 405 12.91 -2.37 -12.25
CA ALA A 405 13.49 -1.81 -13.47
C ALA A 405 14.97 -1.57 -13.25
N VAL A 406 15.71 -1.57 -14.35
CA VAL A 406 17.14 -1.29 -14.36
C VAL A 406 17.48 -0.51 -15.62
N GLY A 407 18.31 0.51 -15.48
CA GLY A 407 18.69 1.33 -16.61
C GLY A 407 19.63 2.42 -16.19
N GLN A 408 20.12 3.16 -17.18
CA GLN A 408 21.04 4.24 -16.93
C GLN A 408 20.25 5.47 -16.43
N VAL A 409 20.93 6.30 -15.63
CA VAL A 409 20.31 7.46 -14.99
C VAL A 409 20.29 8.64 -15.95
N VAL A 410 19.21 9.41 -15.90
CA VAL A 410 19.09 10.67 -16.61
C VAL A 410 18.23 11.61 -15.78
N PHE A 411 18.62 12.88 -15.73
CA PHE A 411 18.07 13.84 -14.77
C PHE A 411 16.98 14.76 -15.33
N SER A 412 16.51 14.50 -16.55
CA SER A 412 15.45 15.30 -17.16
C SER A 412 14.52 14.40 -17.95
N ALA A 413 13.37 14.94 -18.32
CA ALA A 413 12.36 14.19 -19.06
C ALA A 413 12.65 14.12 -20.55
N GLU A 414 13.03 15.24 -21.15
CA GLU A 414 13.29 15.29 -22.59
C GLU A 414 14.39 14.32 -22.97
N ASP A 415 15.40 14.21 -22.09
CA ASP A 415 16.55 13.31 -22.33
C ASP A 415 16.25 11.87 -21.98
N ALA A 416 15.32 11.63 -21.08
CA ALA A 416 14.78 10.28 -20.92
C ALA A 416 13.95 9.89 -22.16
N GLU A 417 13.38 10.89 -22.85
CA GLU A 417 12.66 10.71 -24.11
C GLU A 417 13.64 10.52 -25.29
N THR A 418 14.76 11.25 -25.29
CA THR A 418 15.86 11.04 -26.25
C THR A 418 16.50 9.63 -26.12
N TRP A 419 16.67 9.13 -24.89
CA TRP A 419 17.34 7.83 -24.62
C TRP A 419 16.50 6.55 -24.93
N HIS A 420 15.17 6.66 -24.92
CA HIS A 420 14.24 5.56 -25.29
C HIS A 420 14.20 5.34 -26.79
N ALA A 421 14.06 6.43 -27.54
CA ALA A 421 14.10 6.39 -29.01
C ALA A 421 15.40 5.82 -29.58
N GLN A 422 16.50 5.85 -28.80
CA GLN A 422 17.79 5.25 -29.19
C GLN A 422 18.05 3.80 -28.66
N GLY A 423 17.02 3.12 -28.14
CA GLY A 423 17.09 1.70 -27.76
C GLY A 423 17.24 1.35 -26.27
N LYS A 424 17.84 2.26 -25.50
CA LYS A 424 18.26 1.97 -24.10
C LYS A 424 17.12 2.03 -23.08
N SER A 425 17.32 1.38 -21.93
CA SER A 425 16.40 1.49 -20.79
C SER A 425 16.83 2.68 -19.89
N ALA A 426 15.89 3.60 -19.65
CA ALA A 426 16.14 4.87 -18.95
C ALA A 426 15.54 4.87 -17.56
N ILE A 427 16.31 5.35 -16.57
CA ILE A 427 15.82 5.53 -15.20
C ILE A 427 15.75 7.03 -14.96
N LEU A 428 14.53 7.55 -14.85
CA LEU A 428 14.30 8.99 -14.68
C LEU A 428 14.43 9.36 -13.21
N VAL A 429 15.30 10.32 -12.91
CA VAL A 429 15.56 10.75 -11.54
C VAL A 429 15.43 12.25 -11.48
N ARG A 430 14.40 12.72 -10.77
CA ARG A 430 14.19 14.15 -10.54
C ARG A 430 13.72 14.35 -9.11
N THR A 431 14.09 15.50 -8.54
CA THR A 431 13.69 15.83 -7.17
C THR A 431 12.19 15.55 -6.99
N GLU A 432 11.35 16.24 -7.76
CA GLU A 432 9.93 15.95 -7.82
C GLU A 432 9.53 15.83 -9.27
N THR A 433 8.23 15.75 -9.55
CA THR A 433 7.75 15.70 -10.92
C THR A 433 6.36 16.32 -11.02
N SER A 434 6.06 16.88 -12.19
CA SER A 434 4.79 17.57 -12.43
C SER A 434 4.21 17.09 -13.76
N PRO A 435 2.95 17.48 -14.08
CA PRO A 435 2.38 17.09 -15.37
C PRO A 435 3.17 17.58 -16.62
N GLU A 436 4.07 18.54 -16.45
CA GLU A 436 4.88 19.10 -17.55
C GLU A 436 5.76 18.05 -18.26
N ASP A 437 5.87 16.86 -17.70
CA ASP A 437 6.69 15.82 -18.30
C ASP A 437 6.09 14.43 -18.08
N VAL A 438 4.85 14.25 -18.51
CA VAL A 438 4.22 12.93 -18.50
C VAL A 438 4.75 12.08 -19.66
N GLY A 439 5.17 12.72 -20.76
CA GLY A 439 5.75 12.01 -21.89
C GLY A 439 7.09 11.37 -21.56
N GLY A 440 7.98 12.16 -20.96
CA GLY A 440 9.27 11.64 -20.53
C GLY A 440 9.18 10.50 -19.53
N MET A 441 8.19 10.57 -18.65
CA MET A 441 7.95 9.50 -17.69
C MET A 441 7.40 8.25 -18.37
N HIS A 442 6.77 8.40 -19.54
CA HIS A 442 6.27 7.26 -20.32
C HIS A 442 7.37 6.51 -21.08
N ALA A 443 8.58 7.05 -21.10
CA ALA A 443 9.71 6.41 -21.72
C ALA A 443 10.56 5.67 -20.68
N ALA A 444 10.81 6.30 -19.53
CA ALA A 444 11.70 5.73 -18.51
C ALA A 444 11.22 4.35 -18.05
N ALA A 445 12.14 3.42 -17.91
CA ALA A 445 11.81 2.10 -17.39
C ALA A 445 11.45 2.17 -15.91
N GLY A 446 12.11 3.07 -15.17
CA GLY A 446 11.84 3.27 -13.76
C GLY A 446 11.95 4.73 -13.40
N ILE A 447 11.36 5.07 -12.26
CA ILE A 447 11.30 6.45 -11.79
C ILE A 447 11.73 6.52 -10.33
N LEU A 448 12.41 7.61 -9.98
CA LEU A 448 12.90 7.81 -8.63
C LEU A 448 12.85 9.29 -8.31
N THR A 449 12.21 9.64 -7.20
CA THR A 449 12.08 11.02 -6.78
C THR A 449 12.64 11.20 -5.37
N ALA A 450 13.20 12.38 -5.12
CA ALA A 450 13.77 12.71 -3.80
C ALA A 450 12.68 13.21 -2.87
N ARG A 451 11.85 14.13 -3.36
CA ARG A 451 10.71 14.66 -2.62
C ARG A 451 9.45 14.10 -3.26
N GLY A 452 8.65 13.40 -2.48
CA GLY A 452 7.42 12.83 -2.99
C GLY A 452 6.67 12.13 -1.89
N GLY A 453 5.84 11.16 -2.28
CA GLY A 453 5.01 10.46 -1.34
C GLY A 453 4.06 9.55 -2.08
N MET A 454 3.36 8.72 -1.33
CA MET A 454 2.42 7.78 -1.91
C MET A 454 1.39 8.43 -2.83
N THR A 455 1.11 9.72 -2.63
CA THR A 455 0.19 10.48 -3.48
C THR A 455 0.88 11.57 -4.29
N SER A 456 2.17 11.39 -4.56
CA SER A 456 2.92 12.33 -5.40
C SER A 456 2.50 12.17 -6.87
N HIS A 457 2.85 13.15 -7.70
CA HIS A 457 2.61 13.03 -9.13
C HIS A 457 3.33 11.83 -9.72
N ALA A 458 4.56 11.57 -9.27
CA ALA A 458 5.31 10.41 -9.72
C ALA A 458 4.57 9.12 -9.41
N ALA A 459 4.12 8.98 -8.16
CA ALA A 459 3.53 7.72 -7.71
C ALA A 459 2.17 7.44 -8.38
N VAL A 460 1.38 8.47 -8.61
CA VAL A 460 0.04 8.27 -9.14
C VAL A 460 0.08 7.92 -10.62
N VAL A 461 0.84 8.67 -11.41
CA VAL A 461 0.93 8.38 -12.84
C VAL A 461 1.68 7.06 -13.08
N ALA A 462 2.63 6.74 -12.20
CA ALA A 462 3.40 5.48 -12.32
C ALA A 462 2.48 4.28 -12.08
N ARG A 463 1.69 4.31 -11.01
CA ARG A 463 0.78 3.21 -10.75
C ARG A 463 -0.26 3.06 -11.85
N GLY A 464 -0.69 4.16 -12.43
CA GLY A 464 -1.64 4.09 -13.53
C GLY A 464 -1.09 3.41 -14.76
N TRP A 465 0.23 3.38 -14.92
CA TRP A 465 0.88 2.67 -16.01
C TRP A 465 1.39 1.30 -15.60
N GLY A 466 1.43 0.99 -14.32
CA GLY A 466 2.14 -0.18 -13.83
C GLY A 466 3.65 -0.01 -13.90
N LYS A 467 4.13 1.22 -14.09
CA LYS A 467 5.55 1.49 -14.22
C LYS A 467 6.20 1.52 -12.85
N CYS A 468 7.36 0.89 -12.72
CA CYS A 468 8.10 0.93 -11.46
C CYS A 468 8.38 2.38 -11.04
N CYS A 469 8.32 2.64 -9.73
CA CYS A 469 8.63 3.93 -9.18
C CYS A 469 8.96 3.83 -7.70
N VAL A 470 9.97 4.58 -7.27
CA VAL A 470 10.30 4.72 -5.86
C VAL A 470 10.26 6.22 -5.58
N SER A 471 9.30 6.65 -4.76
CA SER A 471 9.10 8.07 -4.50
C SER A 471 9.50 8.42 -3.08
N GLY A 472 9.71 9.71 -2.86
CA GLY A 472 10.03 10.25 -1.54
C GLY A 472 11.17 9.57 -0.83
N CYS A 473 12.36 9.63 -1.44
CA CYS A 473 13.57 9.06 -0.84
C CYS A 473 14.43 10.21 -0.33
N ALA A 474 14.31 10.48 0.97
CA ALA A 474 14.94 11.67 1.58
C ALA A 474 16.45 11.63 1.47
N ASP A 475 17.01 10.42 1.42
CA ASP A 475 18.47 10.25 1.32
C ASP A 475 19.10 10.83 0.04
N ILE A 476 18.34 11.05 -1.04
CA ILE A 476 18.93 11.62 -2.28
C ILE A 476 18.85 13.13 -2.22
N ARG A 477 19.82 13.80 -2.83
CA ARG A 477 19.67 15.19 -3.21
C ARG A 477 20.00 15.13 -4.70
N VAL A 478 19.16 15.77 -5.54
CA VAL A 478 19.26 15.63 -7.00
C VAL A 478 19.50 16.97 -7.69
N ASN A 479 20.73 17.16 -8.17
CA ASN A 479 21.15 18.41 -8.82
C ASN A 479 20.87 18.29 -10.29
N ASP A 480 19.85 19.01 -10.75
CA ASP A 480 19.46 19.00 -12.14
C ASP A 480 20.62 19.55 -13.01
N ASP A 481 21.08 20.76 -12.66
CA ASP A 481 22.19 21.45 -13.33
C ASP A 481 23.47 20.63 -13.20
N MET A 482 23.81 20.22 -11.97
CA MET A 482 25.08 19.47 -11.70
C MET A 482 25.06 17.96 -12.12
N LYS A 483 23.88 17.34 -12.21
CA LYS A 483 23.72 15.91 -12.59
C LYS A 483 24.50 14.92 -11.70
N VAL A 484 24.22 14.95 -10.41
CA VAL A 484 24.73 13.94 -9.47
C VAL A 484 23.69 13.66 -8.39
N LEU A 485 23.61 12.42 -7.91
CA LEU A 485 22.80 12.05 -6.75
C LEU A 485 23.78 11.80 -5.60
N THR A 486 23.61 12.50 -4.47
CA THR A 486 24.49 12.38 -3.30
C THR A 486 23.71 11.63 -2.20
N ILE A 487 23.88 10.30 -2.12
CA ILE A 487 23.22 9.44 -1.11
C ILE A 487 24.28 8.95 -0.12
N ARG A 490 29.00 9.26 -1.78
CA ARG A 490 28.59 8.56 -2.99
C ARG A 490 28.05 9.58 -4.00
N VAL A 491 28.87 9.92 -4.99
CA VAL A 491 28.45 10.78 -6.11
C VAL A 491 28.02 9.93 -7.33
N ILE A 492 26.69 9.72 -7.50
CA ILE A 492 26.13 8.94 -8.65
C ILE A 492 26.03 9.76 -9.96
N LYS A 493 26.90 9.41 -10.92
CA LYS A 493 26.97 10.07 -12.24
C LYS A 493 25.73 9.76 -13.10
N GLU A 494 25.42 10.69 -14.01
CA GLU A 494 24.45 10.46 -15.08
C GLU A 494 24.99 9.40 -16.04
N GLY A 495 24.15 8.42 -16.39
CA GLY A 495 24.53 7.34 -17.32
C GLY A 495 24.83 6.01 -16.64
N ASP A 496 25.08 6.03 -15.33
CA ASP A 496 25.41 4.82 -14.56
C ASP A 496 24.17 3.93 -14.38
N TRP A 497 24.42 2.62 -14.33
CA TRP A 497 23.33 1.65 -14.16
C TRP A 497 22.77 1.64 -12.73
N LEU A 498 21.47 1.87 -12.61
CA LEU A 498 20.78 1.89 -11.32
C LEU A 498 19.59 0.94 -11.37
N SER A 499 19.37 0.23 -10.26
CA SER A 499 18.27 -0.72 -10.14
C SER A 499 17.27 -0.21 -9.11
N LEU A 500 15.99 -0.36 -9.43
CA LEU A 500 14.92 0.18 -8.59
C LEU A 500 13.90 -0.93 -8.30
N ASN A 501 13.53 -1.06 -7.03
CA ASN A 501 12.53 -2.01 -6.59
C ASN A 501 11.33 -1.23 -6.08
N GLY A 502 10.35 -1.02 -6.97
CA GLY A 502 9.15 -0.31 -6.62
C GLY A 502 8.27 -0.98 -5.58
N SER A 503 8.55 -2.23 -5.23
CA SER A 503 7.76 -2.96 -4.26
C SER A 503 8.27 -2.83 -2.84
N THR A 504 9.59 -2.74 -2.67
CA THR A 504 10.19 -2.54 -1.36
C THR A 504 10.74 -1.13 -1.16
N GLY A 505 10.66 -0.29 -2.20
CA GLY A 505 11.20 1.06 -2.14
C GLY A 505 12.72 1.12 -2.19
N GLU A 506 13.37 -0.01 -2.45
CA GLU A 506 14.84 -0.05 -2.45
C GLU A 506 15.39 0.46 -3.77
N VAL A 507 16.41 1.28 -3.69
CA VAL A 507 17.21 1.71 -4.84
C VAL A 507 18.61 1.09 -4.68
N ILE A 508 19.10 0.47 -5.75
CA ILE A 508 20.27 -0.40 -5.66
C ILE A 508 21.28 0.00 -6.73
N LEU A 509 22.55 -0.16 -6.36
CA LEU A 509 23.69 0.12 -7.25
C LEU A 509 23.88 -0.92 -8.35
N GLY A 510 23.97 -0.44 -9.59
CA GLY A 510 24.42 -1.27 -10.70
C GLY A 510 23.35 -2.10 -11.35
N LYS A 511 23.72 -2.72 -12.46
CA LYS A 511 22.87 -3.65 -13.18
C LYS A 511 22.50 -4.84 -12.28
N GLN A 512 21.22 -5.20 -12.30
CA GLN A 512 20.71 -6.32 -11.51
C GLN A 512 19.93 -7.26 -12.41
N LEU A 513 19.90 -8.52 -12.01
CA LEU A 513 19.28 -9.59 -12.80
C LEU A 513 17.76 -9.48 -12.71
N LEU A 514 17.11 -9.58 -13.85
CA LEU A 514 15.66 -9.42 -13.94
C LEU A 514 15.03 -10.68 -14.55
N ALA A 515 13.97 -11.19 -13.93
CA ALA A 515 13.23 -12.33 -14.44
C ALA A 515 11.81 -11.92 -14.84
N PRO A 516 11.23 -12.56 -15.86
CA PRO A 516 9.89 -12.19 -16.29
C PRO A 516 8.83 -12.76 -15.33
N PRO A 517 7.63 -12.16 -15.32
CA PRO A 517 6.54 -12.73 -14.51
C PRO A 517 6.11 -14.09 -15.05
N ALA A 518 6.29 -15.13 -14.26
CA ALA A 518 5.95 -16.49 -14.64
C ALA A 518 4.83 -17.03 -13.78
N MET A 519 4.25 -18.13 -14.22
CA MET A 519 3.16 -18.77 -13.50
C MET A 519 3.72 -19.86 -12.61
N SER A 520 2.97 -20.21 -11.57
CA SER A 520 3.33 -21.30 -10.67
C SER A 520 2.06 -21.98 -10.24
N ASN A 521 2.22 -23.19 -9.71
CA ASN A 521 1.06 -23.95 -9.27
C ASN A 521 0.41 -23.31 -8.02
N ASP A 522 1.23 -22.78 -7.11
CA ASP A 522 0.74 -22.03 -5.96
C ASP A 522 -0.12 -20.83 -6.42
N LEU A 523 0.41 -20.01 -7.32
CA LEU A 523 -0.36 -18.87 -7.80
C LEU A 523 -1.63 -19.29 -8.50
N GLU A 524 -1.51 -20.23 -9.40
CA GLU A 524 -2.67 -20.75 -10.13
C GLU A 524 -3.73 -21.34 -9.17
N THR A 525 -3.27 -22.05 -8.16
CA THR A 525 -4.16 -22.56 -7.15
C THR A 525 -4.78 -21.41 -6.33
N PHE A 526 -3.96 -20.44 -5.92
CA PHE A 526 -4.47 -19.33 -5.11
C PHE A 526 -5.59 -18.59 -5.83
N MET A 527 -5.35 -18.16 -7.07
CA MET A 527 -6.34 -17.38 -7.79
C MET A 527 -7.63 -18.16 -8.04
N SER A 528 -7.55 -19.48 -8.08
CA SER A 528 -8.76 -20.28 -8.26
C SER A 528 -9.62 -20.21 -7.01
N TRP A 529 -9.00 -20.13 -5.84
CA TRP A 529 -9.75 -19.86 -4.62
C TRP A 529 -10.46 -18.51 -4.67
N ALA A 530 -9.72 -17.47 -5.08
CA ALA A 530 -10.27 -16.13 -5.21
C ALA A 530 -11.44 -16.08 -6.16
N ASP A 531 -11.34 -16.80 -7.27
CA ASP A 531 -12.42 -16.79 -8.25
C ASP A 531 -13.66 -17.53 -7.79
N GLN A 532 -13.48 -18.62 -7.02
CA GLN A 532 -14.63 -19.34 -6.49
C GLN A 532 -15.40 -18.50 -5.48
N VAL A 533 -14.70 -17.86 -4.55
CA VAL A 533 -15.34 -17.06 -3.50
C VAL A 533 -15.89 -15.73 -4.04
N ARG A 534 -15.27 -15.21 -5.09
CA ARG A 534 -15.67 -13.92 -5.68
C ARG A 534 -17.15 -13.80 -5.90
N ARG A 535 -17.66 -12.57 -5.82
N ARG A 535 -17.72 -12.60 -5.75
CA ARG A 535 -19.06 -12.26 -6.07
CA ARG A 535 -19.11 -12.34 -6.20
C ARG A 535 -19.20 -11.41 -7.32
C ARG A 535 -19.15 -11.47 -7.43
N LEU A 536 -18.36 -10.41 -7.46
CA LEU A 536 -18.34 -9.54 -8.63
C LEU A 536 -17.70 -10.24 -9.79
N LYS A 537 -18.29 -10.14 -10.98
CA LYS A 537 -17.56 -10.50 -12.18
C LYS A 537 -16.57 -9.40 -12.53
N VAL A 538 -15.53 -9.75 -13.28
CA VAL A 538 -14.49 -8.81 -13.66
C VAL A 538 -14.38 -8.81 -15.17
N MET A 539 -14.87 -7.75 -15.80
CA MET A 539 -14.76 -7.56 -17.24
C MET A 539 -13.53 -6.74 -17.52
N ALA A 540 -13.30 -6.44 -18.79
CA ALA A 540 -12.09 -5.74 -19.21
C ALA A 540 -12.44 -4.53 -20.05
N ASN A 541 -11.54 -3.53 -20.04
CA ASN A 541 -11.61 -2.39 -20.92
C ASN A 541 -10.62 -2.65 -22.06
N ALA A 542 -11.14 -3.07 -23.21
CA ALA A 542 -10.33 -3.42 -24.35
C ALA A 542 -10.98 -2.91 -25.61
N ASP A 543 -10.19 -2.20 -26.43
CA ASP A 543 -10.68 -1.66 -27.71
C ASP A 543 -10.15 -2.40 -28.95
N THR A 544 -9.21 -3.33 -28.76
CA THR A 544 -8.49 -3.99 -29.84
C THR A 544 -8.65 -5.48 -29.66
N PRO A 545 -8.67 -6.25 -30.77
CA PRO A 545 -8.64 -7.71 -30.65
C PRO A 545 -7.49 -8.22 -29.79
N ASN A 546 -6.27 -7.76 -30.09
CA ASN A 546 -5.11 -8.18 -29.30
C ASN A 546 -5.28 -7.84 -27.80
N ASP A 547 -5.88 -6.70 -27.50
CA ASP A 547 -6.12 -6.33 -26.12
C ASP A 547 -7.19 -7.20 -25.46
N ALA A 548 -8.25 -7.54 -26.19
CA ALA A 548 -9.27 -8.46 -25.66
C ALA A 548 -8.63 -9.79 -25.33
N LEU A 549 -7.72 -10.25 -26.19
CA LEU A 549 -7.00 -11.47 -25.95
C LEU A 549 -6.22 -11.40 -24.65
N THR A 550 -5.43 -10.35 -24.48
CA THR A 550 -4.65 -10.17 -23.26
C THR A 550 -5.56 -10.19 -22.03
N ALA A 551 -6.75 -9.59 -22.15
CA ALA A 551 -7.68 -9.55 -21.03
C ALA A 551 -8.16 -10.96 -20.66
N ARG A 552 -8.61 -11.71 -21.67
CA ARG A 552 -9.13 -13.03 -21.42
C ARG A 552 -8.03 -13.94 -20.85
N ASN A 553 -6.79 -13.77 -21.31
CA ASN A 553 -5.66 -14.50 -20.70
C ASN A 553 -5.48 -14.14 -19.24
N ASN A 554 -5.87 -12.92 -18.85
CA ASN A 554 -5.76 -12.48 -17.47
C ASN A 554 -6.99 -12.76 -16.65
N GLY A 555 -7.98 -13.44 -17.21
CA GLY A 555 -9.15 -13.85 -16.43
C GLY A 555 -10.42 -13.07 -16.68
N ALA A 556 -10.38 -12.12 -17.62
CA ALA A 556 -11.54 -11.33 -17.92
C ALA A 556 -12.73 -12.21 -18.27
N GLN A 557 -13.88 -11.89 -17.68
CA GLN A 557 -15.12 -12.59 -17.96
C GLN A 557 -15.97 -11.95 -19.07
N GLY A 558 -15.35 -11.07 -19.85
CA GLY A 558 -16.06 -10.31 -20.85
C GLY A 558 -15.39 -8.97 -21.04
N ILE A 559 -16.09 -8.08 -21.76
CA ILE A 559 -15.64 -6.70 -21.96
C ILE A 559 -16.76 -5.77 -21.52
N GLY A 560 -16.46 -4.94 -20.52
CA GLY A 560 -17.43 -4.00 -20.00
C GLY A 560 -17.39 -2.65 -20.67
N LEU A 561 -16.34 -2.37 -21.44
CA LEU A 561 -16.20 -1.11 -22.14
C LEU A 561 -15.22 -1.24 -23.30
N CYS A 562 -15.75 -1.19 -24.51
CA CYS A 562 -14.94 -1.05 -25.71
C CYS A 562 -15.09 0.36 -26.26
N ARG A 563 -14.13 1.22 -25.97
CA ARG A 563 -14.18 2.63 -26.38
C ARG A 563 -14.00 2.71 -27.89
N THR A 564 -15.06 3.10 -28.60
CA THR A 564 -15.03 3.15 -30.06
C THR A 564 -14.19 4.30 -30.61
N GLU A 565 -13.98 5.33 -29.82
CA GLU A 565 -13.16 6.47 -30.25
C GLU A 565 -11.66 6.13 -30.28
N HIS A 566 -11.26 5.10 -29.54
CA HIS A 566 -9.86 4.66 -29.51
C HIS A 566 -9.55 3.55 -30.52
N MET A 567 -10.46 3.31 -31.47
CA MET A 567 -10.29 2.25 -32.45
C MET A 567 -9.89 2.81 -33.80
N PHE A 568 -9.04 3.85 -33.82
CA PHE A 568 -8.55 4.40 -35.08
C PHE A 568 -7.10 4.92 -35.03
N PHE A 569 -6.33 4.50 -34.02
CA PHE A 569 -4.95 4.96 -33.84
C PHE A 569 -3.90 4.15 -34.59
N ALA A 570 -4.29 2.95 -35.06
CA ALA A 570 -3.35 2.03 -35.68
C ALA A 570 -2.74 2.58 -36.96
N SER A 571 -3.56 2.81 -37.98
CA SER A 571 -3.08 3.19 -39.32
C SER A 571 -3.35 4.67 -39.60
N ASP A 572 -2.63 5.20 -40.58
CA ASP A 572 -2.92 6.53 -41.09
C ASP A 572 -4.19 6.56 -41.95
N GLU A 573 -4.47 5.46 -42.64
CA GLU A 573 -5.72 5.36 -43.40
C GLU A 573 -6.93 5.52 -42.50
N ARG A 574 -6.80 5.14 -41.23
CA ARG A 574 -7.90 5.23 -40.27
C ARG A 574 -8.11 6.64 -39.75
N ILE A 575 -7.04 7.34 -39.43
CA ILE A 575 -7.14 8.73 -38.98
C ILE A 575 -7.54 9.64 -40.14
N LYS A 576 -6.99 9.39 -41.33
CA LYS A 576 -7.40 10.14 -42.52
C LYS A 576 -8.89 9.90 -42.79
N ALA A 577 -9.41 8.73 -42.44
CA ALA A 577 -10.84 8.47 -42.54
C ALA A 577 -11.61 9.26 -41.47
N VAL A 578 -11.10 9.25 -40.24
CA VAL A 578 -11.70 10.03 -39.15
C VAL A 578 -11.72 11.52 -39.49
N ARG A 579 -10.56 12.05 -39.89
CA ARG A 579 -10.45 13.45 -40.26
C ARG A 579 -11.37 13.83 -41.43
N LYS A 580 -11.77 12.87 -42.25
CA LYS A 580 -12.72 13.16 -43.34
C LYS A 580 -14.08 13.56 -42.81
N MET A 581 -14.50 12.96 -41.69
CA MET A 581 -15.81 13.24 -41.10
C MET A 581 -15.82 14.50 -40.23
N ILE A 582 -14.82 14.63 -39.35
CA ILE A 582 -14.75 15.79 -38.46
C ILE A 582 -14.88 17.10 -39.23
N MET A 583 -14.30 17.17 -40.42
CA MET A 583 -14.34 18.37 -41.26
C MET A 583 -15.52 18.40 -42.22
N ALA A 584 -16.32 17.34 -42.25
CA ALA A 584 -17.45 17.27 -43.16
C ALA A 584 -18.49 18.32 -42.82
N VAL A 585 -18.96 19.04 -43.83
CA VAL A 585 -20.06 20.00 -43.66
C VAL A 585 -21.28 19.57 -44.46
N THR A 586 -21.07 19.04 -45.67
CA THR A 586 -22.17 18.57 -46.50
C THR A 586 -22.59 17.19 -45.99
N PRO A 587 -23.90 16.98 -45.69
CA PRO A 587 -24.31 15.64 -45.21
C PRO A 587 -23.98 14.51 -46.22
N GLU A 588 -23.76 14.85 -47.50
CA GLU A 588 -23.24 13.91 -48.48
C GLU A 588 -21.77 13.56 -48.20
N GLN A 589 -20.97 14.56 -47.86
CA GLN A 589 -19.57 14.31 -47.48
C GLN A 589 -19.47 13.65 -46.11
N ARG A 590 -20.38 13.98 -45.19
CA ARG A 590 -20.43 13.31 -43.90
C ARG A 590 -20.74 11.81 -44.08
N LYS A 591 -21.81 11.50 -44.79
CA LYS A 591 -22.16 10.11 -45.10
C LYS A 591 -21.07 9.40 -45.90
N ALA A 592 -20.40 10.12 -46.79
CA ALA A 592 -19.26 9.56 -47.51
C ALA A 592 -18.13 9.15 -46.56
N ALA A 593 -17.78 10.03 -45.63
CA ALA A 593 -16.73 9.72 -44.66
C ALA A 593 -17.12 8.53 -43.79
N LEU A 594 -18.41 8.42 -43.46
CA LEU A 594 -18.90 7.31 -42.66
C LEU A 594 -18.79 5.99 -43.42
N ASP A 595 -19.09 6.01 -44.72
CA ASP A 595 -18.89 4.81 -45.54
C ASP A 595 -17.43 4.36 -45.56
N LEU A 596 -16.52 5.32 -45.63
CA LEU A 596 -15.09 5.02 -45.56
C LEU A 596 -14.69 4.38 -44.22
N LEU A 597 -15.47 4.64 -43.17
CA LEU A 597 -15.19 4.15 -41.83
C LEU A 597 -15.80 2.80 -41.52
N LEU A 598 -16.94 2.51 -42.13
CA LEU A 598 -17.70 1.28 -41.83
C LEU A 598 -16.85 -0.01 -41.82
N PRO A 599 -16.11 -0.30 -42.91
CA PRO A 599 -15.30 -1.51 -42.88
C PRO A 599 -14.37 -1.60 -41.68
N TYR A 600 -13.68 -0.52 -41.33
CA TYR A 600 -12.76 -0.53 -40.18
C TYR A 600 -13.48 -0.95 -38.90
N GLN A 601 -14.59 -0.29 -38.60
CA GLN A 601 -15.36 -0.62 -37.40
C GLN A 601 -15.84 -2.07 -37.43
N ARG A 602 -16.38 -2.51 -38.57
CA ARG A 602 -16.88 -3.89 -38.70
C ARG A 602 -15.79 -4.93 -38.45
N SER A 603 -14.68 -4.82 -39.18
CA SER A 603 -13.56 -5.73 -39.02
C SER A 603 -13.10 -5.80 -37.56
N ASP A 604 -12.89 -4.66 -36.93
CA ASP A 604 -12.46 -4.64 -35.55
C ASP A 604 -13.44 -5.36 -34.65
N PHE A 605 -14.72 -5.04 -34.79
CA PHE A 605 -15.74 -5.68 -33.97
C PHE A 605 -15.74 -7.21 -34.16
N GLU A 606 -15.52 -7.64 -35.40
CA GLU A 606 -15.46 -9.07 -35.67
C GLU A 606 -14.36 -9.74 -34.86
N GLY A 607 -13.15 -9.18 -34.91
CA GLY A 607 -12.03 -9.72 -34.15
C GLY A 607 -12.29 -9.73 -32.65
N ILE A 608 -12.88 -8.67 -32.14
CA ILE A 608 -13.17 -8.57 -30.71
C ILE A 608 -14.18 -9.66 -30.31
N PHE A 609 -15.24 -9.83 -31.10
CA PHE A 609 -16.22 -10.88 -30.81
C PHE A 609 -15.58 -12.25 -30.84
N ARG A 610 -14.71 -12.48 -31.82
CA ARG A 610 -14.02 -13.76 -31.91
C ARG A 610 -13.13 -13.98 -30.70
N ALA A 611 -12.39 -12.95 -30.31
CA ALA A 611 -11.50 -13.07 -29.16
C ALA A 611 -12.29 -13.30 -27.86
N MET A 612 -13.49 -12.74 -27.77
CA MET A 612 -14.35 -12.93 -26.59
C MET A 612 -15.45 -13.92 -26.87
N ASP A 613 -15.14 -14.97 -27.62
CA ASP A 613 -16.13 -15.99 -28.00
C ASP A 613 -16.84 -16.57 -26.75
N GLY A 614 -18.13 -16.29 -26.65
CA GLY A 614 -18.93 -16.78 -25.54
C GLY A 614 -18.93 -15.92 -24.29
N LEU A 615 -18.45 -14.68 -24.39
CA LEU A 615 -18.50 -13.76 -23.27
C LEU A 615 -19.15 -12.42 -23.68
N PRO A 616 -19.66 -11.67 -22.69
CA PRO A 616 -20.32 -10.42 -23.04
C PRO A 616 -19.32 -9.37 -23.52
N VAL A 617 -19.73 -8.59 -24.52
CA VAL A 617 -18.92 -7.50 -25.07
C VAL A 617 -19.80 -6.27 -25.08
N THR A 618 -19.43 -5.28 -24.27
CA THR A 618 -20.15 -4.02 -24.19
C THR A 618 -19.40 -2.97 -25.00
N ILE A 619 -19.98 -2.61 -26.14
CA ILE A 619 -19.44 -1.57 -27.00
C ILE A 619 -20.10 -0.24 -26.67
N ARG A 620 -19.30 0.83 -26.61
CA ARG A 620 -19.80 2.15 -26.31
C ARG A 620 -19.74 3.02 -27.53
N LEU A 621 -20.85 3.70 -27.80
CA LEU A 621 -20.92 4.63 -28.93
C LEU A 621 -19.91 5.75 -28.78
N LEU A 622 -19.68 6.48 -29.85
CA LEU A 622 -18.56 7.41 -29.92
C LEU A 622 -18.58 8.44 -28.78
N ASP A 623 -17.39 8.84 -28.34
CA ASP A 623 -17.18 9.81 -27.29
C ASP A 623 -15.80 10.41 -27.51
N PRO A 624 -15.64 11.23 -28.54
CA PRO A 624 -14.32 11.50 -29.10
C PRO A 624 -13.58 12.62 -28.39
N PRO A 625 -12.25 12.45 -28.16
CA PRO A 625 -11.40 13.60 -27.84
C PRO A 625 -10.85 14.26 -29.12
N LEU A 626 -11.50 15.31 -29.59
CA LEU A 626 -11.10 15.93 -30.85
C LEU A 626 -9.64 16.38 -30.81
N HIS A 627 -9.27 17.19 -29.83
CA HIS A 627 -7.89 17.74 -29.76
C HIS A 627 -6.82 16.63 -29.86
N GLU A 628 -7.16 15.38 -29.55
CA GLU A 628 -6.26 14.23 -29.76
C GLU A 628 -6.08 13.83 -31.22
N PHE A 629 -7.09 14.07 -32.06
CA PHE A 629 -7.07 13.66 -33.46
C PHE A 629 -6.47 14.69 -34.42
N LEU A 630 -6.07 15.86 -33.93
CA LEU A 630 -5.49 16.89 -34.80
C LEU A 630 -3.99 16.98 -34.57
N PRO A 631 -3.19 17.13 -35.65
CA PRO A 631 -1.72 17.08 -35.51
C PRO A 631 -1.04 18.22 -34.72
N GLU A 632 0.23 18.00 -34.36
CA GLU A 632 1.03 19.01 -33.65
C GLU A 632 1.52 20.12 -34.61
N GLY A 633 2.04 21.20 -34.03
CA GLY A 633 2.69 22.31 -34.78
C GLY A 633 2.02 23.67 -34.65
N ASP A 634 2.36 24.62 -35.54
CA ASP A 634 1.62 25.90 -35.70
C ASP A 634 0.19 25.60 -36.22
N LEU A 635 -0.72 26.57 -36.20
CA LEU A 635 -1.97 26.41 -36.96
C LEU A 635 -1.65 26.48 -38.48
N GLU A 636 -0.49 27.08 -38.83
CA GLU A 636 0.09 27.05 -40.19
C GLU A 636 0.39 25.61 -40.65
N HIS A 637 1.30 24.96 -39.93
CA HIS A 637 1.65 23.54 -40.16
C HIS A 637 0.43 22.55 -40.05
N ILE A 638 -0.47 22.76 -39.08
CA ILE A 638 -1.59 21.83 -38.77
C ILE A 638 -2.64 21.83 -39.90
N VAL A 639 -3.05 23.02 -40.36
CA VAL A 639 -4.15 23.14 -41.32
C VAL A 639 -3.79 22.55 -42.70
N ASN A 640 -2.50 22.59 -43.08
CA ASN A 640 -2.00 21.96 -44.33
C ASN A 640 -2.27 20.47 -44.39
N GLU A 641 -2.06 19.77 -43.27
CA GLU A 641 -2.31 18.32 -43.20
C GLU A 641 -3.79 18.00 -43.40
N LEU A 642 -4.68 18.80 -42.80
CA LEU A 642 -6.12 18.61 -42.94
C LEU A 642 -6.57 18.73 -44.40
N ALA A 643 -6.02 19.70 -45.13
CA ALA A 643 -6.28 19.84 -46.56
C ALA A 643 -5.61 18.72 -47.38
N VAL A 644 -4.46 18.21 -46.90
CA VAL A 644 -3.74 17.07 -47.52
C VAL A 644 -4.52 15.72 -47.42
N ASP A 645 -5.36 15.57 -46.39
CA ASP A 645 -6.31 14.44 -46.31
C ASP A 645 -7.64 14.81 -47.02
N THR A 646 -8.31 15.86 -46.51
CA THR A 646 -9.68 16.24 -46.93
C THR A 646 -9.84 16.78 -48.36
N GLY A 647 -8.91 17.62 -48.80
CA GLY A 647 -9.08 18.35 -50.06
C GLY A 647 -10.18 19.41 -50.02
N MET A 648 -10.50 19.90 -48.81
CA MET A 648 -11.37 21.08 -48.63
C MET A 648 -10.51 22.31 -48.91
N SER A 649 -11.13 23.42 -49.30
CA SER A 649 -10.38 24.66 -49.55
C SER A 649 -9.76 25.16 -48.24
N GLU A 650 -8.55 25.71 -48.31
CA GLU A 650 -7.76 26.14 -47.14
C GLU A 650 -8.48 27.20 -46.28
N ASP A 651 -9.26 28.07 -46.93
CA ASP A 651 -10.17 29.00 -46.24
C ASP A 651 -11.31 28.25 -45.51
N GLU A 652 -11.83 27.17 -46.14
CA GLU A 652 -12.93 26.36 -45.55
C GLU A 652 -12.46 25.51 -44.35
N ILE A 653 -11.31 24.87 -44.49
CA ILE A 653 -10.71 24.11 -43.38
C ILE A 653 -10.35 24.99 -42.19
N TYR A 654 -10.04 26.27 -42.46
CA TYR A 654 -9.73 27.23 -41.38
C TYR A 654 -10.91 27.59 -40.48
N SER A 655 -12.01 27.98 -41.13
CA SER A 655 -13.24 28.32 -40.43
C SER A 655 -13.86 27.11 -39.70
N LYS A 656 -13.54 25.88 -40.13
CA LYS A 656 -14.04 24.70 -39.47
C LYS A 656 -13.35 24.46 -38.13
N ILE A 657 -12.03 24.66 -38.08
CA ILE A 657 -11.32 24.54 -36.77
C ILE A 657 -11.85 25.59 -35.81
N GLU A 658 -12.07 26.81 -36.32
CA GLU A 658 -12.74 27.88 -35.57
C GLU A 658 -14.04 27.36 -34.95
N LYS A 659 -14.92 26.81 -35.79
CA LYS A 659 -16.23 26.35 -35.34
C LYS A 659 -16.19 25.06 -34.51
N LEU A 660 -15.05 24.38 -34.45
CA LEU A 660 -14.94 23.11 -33.72
C LEU A 660 -14.28 23.23 -32.37
N SER A 661 -13.43 24.25 -32.19
CA SER A 661 -12.76 24.44 -30.90
C SER A 661 -13.78 24.73 -29.81
N GLU A 662 -13.42 24.41 -28.58
CA GLU A 662 -14.28 24.59 -27.43
C GLU A 662 -13.49 25.15 -26.26
N VAL A 663 -14.19 25.81 -25.35
CA VAL A 663 -13.55 26.33 -24.14
C VAL A 663 -13.42 25.20 -23.13
N ASN A 664 -14.46 24.39 -22.96
CA ASN A 664 -14.43 23.23 -22.04
C ASN A 664 -14.88 21.97 -22.76
N PRO A 665 -13.99 21.31 -23.50
CA PRO A 665 -14.43 20.17 -24.29
C PRO A 665 -14.95 19.00 -23.47
N MET A 666 -14.43 18.80 -22.27
CA MET A 666 -14.92 17.73 -21.41
C MET A 666 -16.39 17.88 -21.05
N LEU A 667 -16.90 19.11 -21.15
CA LEU A 667 -18.33 19.38 -20.94
C LEU A 667 -19.03 19.85 -22.21
N GLY A 668 -18.41 19.65 -23.36
CA GLY A 668 -18.89 20.25 -24.60
C GLY A 668 -19.58 19.26 -25.50
N PHE A 669 -19.23 19.33 -26.79
CA PHE A 669 -19.88 18.54 -27.84
C PHE A 669 -19.23 17.16 -27.91
N ARG A 670 -19.64 16.29 -27.01
CA ARG A 670 -19.11 14.94 -26.92
C ARG A 670 -20.20 13.99 -26.48
N GLY A 671 -19.84 12.71 -26.33
CA GLY A 671 -20.78 11.71 -25.87
C GLY A 671 -22.02 11.62 -26.75
N CYS A 672 -23.15 11.31 -26.12
CA CYS A 672 -24.38 11.16 -26.84
C CYS A 672 -24.81 12.42 -27.57
N ARG A 673 -24.32 13.57 -27.15
CA ARG A 673 -24.63 14.84 -27.84
C ARG A 673 -24.21 14.80 -29.32
N LEU A 674 -23.22 13.96 -29.63
CA LEU A 674 -22.84 13.74 -31.02
C LEU A 674 -23.81 12.81 -31.72
N GLY A 675 -24.07 11.65 -31.13
CA GLY A 675 -24.99 10.69 -31.72
C GLY A 675 -26.39 11.25 -31.93
N ILE A 676 -26.80 12.17 -31.07
CA ILE A 676 -28.12 12.79 -31.21
C ILE A 676 -28.08 13.86 -32.28
N SER A 677 -27.05 14.71 -32.26
CA SER A 677 -26.93 15.75 -33.28
C SER A 677 -26.66 15.18 -34.66
N TYR A 678 -25.94 14.06 -34.74
CA TYR A 678 -25.63 13.39 -36.00
C TYR A 678 -25.99 11.92 -35.89
N PRO A 679 -27.28 11.58 -36.09
CA PRO A 679 -27.66 10.17 -36.06
C PRO A 679 -26.89 9.29 -37.06
N GLU A 680 -26.47 9.86 -38.18
CA GLU A 680 -25.66 9.14 -39.17
C GLU A 680 -24.48 8.44 -38.51
N LEU A 681 -23.83 9.13 -37.58
CA LEU A 681 -22.69 8.58 -36.88
C LEU A 681 -23.09 7.32 -36.12
N THR A 682 -24.15 7.42 -35.33
CA THR A 682 -24.61 6.26 -34.58
C THR A 682 -25.06 5.11 -35.50
N GLU A 683 -25.81 5.45 -36.54
CA GLU A 683 -26.28 4.44 -37.50
C GLU A 683 -25.11 3.63 -38.07
N MET A 684 -24.02 4.30 -38.40
CA MET A 684 -22.83 3.62 -38.91
C MET A 684 -22.28 2.65 -37.88
N GLN A 685 -22.07 3.11 -36.67
CA GLN A 685 -21.52 2.25 -35.63
C GLN A 685 -22.41 1.04 -35.38
N VAL A 686 -23.68 1.29 -35.16
CA VAL A 686 -24.61 0.20 -34.82
C VAL A 686 -24.71 -0.79 -35.99
N ARG A 687 -24.51 -0.33 -37.22
CA ARG A 687 -24.49 -1.22 -38.37
C ARG A 687 -23.26 -2.12 -38.36
N ALA A 688 -22.09 -1.53 -38.11
CA ALA A 688 -20.87 -2.33 -38.02
C ALA A 688 -20.97 -3.38 -36.91
N ILE A 689 -21.60 -3.04 -35.80
CA ILE A 689 -21.73 -3.97 -34.69
C ILE A 689 -22.54 -5.21 -35.12
N PHE A 690 -23.77 -5.01 -35.56
CA PHE A 690 -24.63 -6.13 -35.90
C PHE A 690 -24.11 -6.93 -37.09
N GLN A 691 -23.62 -6.25 -38.11
CA GLN A 691 -23.02 -6.94 -39.24
C GLN A 691 -21.92 -7.89 -38.75
N ALA A 692 -21.05 -7.38 -37.90
CA ALA A 692 -20.02 -8.20 -37.31
C ALA A 692 -20.64 -9.33 -36.50
N ALA A 693 -21.62 -9.00 -35.66
CA ALA A 693 -22.24 -10.01 -34.80
C ALA A 693 -22.80 -11.18 -35.63
N VAL A 694 -23.49 -10.87 -36.71
CA VAL A 694 -24.07 -11.90 -37.56
C VAL A 694 -22.97 -12.72 -38.20
N SER A 695 -22.01 -12.05 -38.81
CA SER A 695 -20.91 -12.75 -39.49
C SER A 695 -20.22 -13.76 -38.57
N MET A 696 -19.88 -13.31 -37.36
CA MET A 696 -19.21 -14.18 -36.42
C MET A 696 -20.14 -15.29 -35.93
N ASN A 697 -21.41 -14.95 -35.70
CA ASN A 697 -22.40 -15.96 -35.30
C ASN A 697 -22.48 -17.06 -36.33
N ASN A 698 -22.48 -16.68 -37.61
CA ASN A 698 -22.51 -17.65 -38.70
C ASN A 698 -21.28 -18.55 -38.74
N GLN A 699 -20.16 -18.13 -38.15
CA GLN A 699 -18.99 -18.97 -38.03
C GLN A 699 -18.93 -19.64 -36.68
N GLY A 700 -20.07 -19.87 -36.05
CA GLY A 700 -20.13 -20.62 -34.79
C GLY A 700 -19.58 -19.89 -33.60
N VAL A 701 -19.43 -18.57 -33.69
CA VAL A 701 -18.96 -17.77 -32.55
C VAL A 701 -20.17 -17.37 -31.74
N THR A 702 -20.08 -17.51 -30.41
CA THR A 702 -21.15 -17.08 -29.53
C THR A 702 -20.93 -15.61 -29.23
N VAL A 703 -21.84 -14.76 -29.74
CA VAL A 703 -21.74 -13.32 -29.63
C VAL A 703 -22.78 -12.84 -28.66
N ILE A 704 -22.35 -12.05 -27.66
CA ILE A 704 -23.27 -11.55 -26.61
C ILE A 704 -23.11 -10.05 -26.54
N PRO A 705 -23.68 -9.32 -27.50
CA PRO A 705 -23.36 -7.92 -27.63
C PRO A 705 -24.24 -6.97 -26.78
N GLU A 706 -23.63 -5.88 -26.34
CA GLU A 706 -24.32 -4.83 -25.61
C GLU A 706 -23.89 -3.50 -26.21
N ILE A 707 -24.87 -2.67 -26.55
CA ILE A 707 -24.62 -1.31 -27.03
C ILE A 707 -24.90 -0.31 -25.90
N MET A 708 -24.09 0.72 -25.84
CA MET A 708 -24.07 1.61 -24.69
C MET A 708 -23.99 3.07 -25.11
N VAL A 709 -24.82 3.90 -24.48
CA VAL A 709 -24.90 5.33 -24.79
C VAL A 709 -24.07 6.09 -23.75
N PRO A 710 -23.12 6.93 -24.19
CA PRO A 710 -22.28 7.63 -23.24
C PRO A 710 -22.79 9.01 -22.84
N LEU A 711 -22.36 9.45 -21.66
CA LEU A 711 -22.55 10.83 -21.21
C LEU A 711 -24.02 11.24 -21.20
N VAL A 712 -24.87 10.36 -20.72
CA VAL A 712 -26.30 10.64 -20.66
C VAL A 712 -26.56 11.41 -19.38
N GLY A 713 -27.42 12.42 -19.46
CA GLY A 713 -27.92 13.10 -18.29
C GLY A 713 -29.43 13.16 -18.19
N THR A 714 -30.11 12.68 -19.23
CA THR A 714 -31.57 12.67 -19.27
C THR A 714 -32.04 11.36 -19.89
N PRO A 715 -33.22 10.85 -19.48
CA PRO A 715 -33.76 9.67 -20.14
C PRO A 715 -34.14 9.92 -21.59
N GLN A 716 -34.40 11.16 -21.97
CA GLN A 716 -34.73 11.45 -23.37
C GLN A 716 -33.53 11.27 -24.29
N GLU A 717 -32.34 11.68 -23.83
CA GLU A 717 -31.12 11.41 -24.56
C GLU A 717 -30.97 9.92 -24.84
N LEU A 718 -31.15 9.09 -23.81
CA LEU A 718 -31.00 7.66 -23.97
C LEU A 718 -32.04 7.11 -24.93
N ARG A 719 -33.30 7.49 -24.71
CA ARG A 719 -34.38 7.02 -25.58
C ARG A 719 -34.15 7.34 -27.05
N HIS A 720 -33.43 8.43 -27.31
CA HIS A 720 -33.18 8.84 -28.68
C HIS A 720 -32.25 7.86 -29.40
N GLN A 721 -31.11 7.56 -28.79
CA GLN A 721 -30.14 6.65 -29.40
C GLN A 721 -30.70 5.25 -29.52
N ILE A 722 -31.41 4.77 -28.50
CA ILE A 722 -32.06 3.46 -28.58
C ILE A 722 -32.97 3.39 -29.82
N GLY A 723 -33.75 4.44 -30.05
CA GLY A 723 -34.57 4.50 -31.25
C GLY A 723 -33.76 4.29 -32.52
N VAL A 724 -32.58 4.90 -32.57
CA VAL A 724 -31.70 4.76 -33.72
C VAL A 724 -31.17 3.35 -33.82
N ILE A 725 -30.83 2.77 -32.67
CA ILE A 725 -30.31 1.41 -32.62
C ILE A 725 -31.34 0.40 -33.14
N ARG A 726 -32.52 0.38 -32.51
CA ARG A 726 -33.55 -0.58 -32.87
C ARG A 726 -33.90 -0.51 -34.32
N GLY A 727 -33.82 0.67 -34.90
CA GLY A 727 -34.09 0.83 -36.33
C GLY A 727 -33.05 0.19 -37.20
N VAL A 728 -31.78 0.32 -36.82
CA VAL A 728 -30.70 -0.25 -37.60
C VAL A 728 -30.65 -1.76 -37.39
N ALA A 729 -30.95 -2.20 -36.17
CA ALA A 729 -31.03 -3.64 -35.89
C ALA A 729 -31.99 -4.34 -36.84
N ALA A 730 -33.14 -3.74 -37.09
CA ALA A 730 -34.09 -4.32 -38.02
C ALA A 730 -33.51 -4.39 -39.43
N ASN A 731 -32.81 -3.33 -39.86
CA ASN A 731 -32.26 -3.30 -41.20
C ASN A 731 -31.21 -4.40 -41.40
N VAL A 732 -30.25 -4.48 -40.50
CA VAL A 732 -29.19 -5.48 -40.60
C VAL A 732 -29.80 -6.87 -40.50
N PHE A 733 -30.62 -7.12 -39.47
CA PHE A 733 -31.21 -8.45 -39.27
C PHE A 733 -32.09 -8.89 -40.46
N ALA A 734 -32.68 -7.93 -41.16
CA ALA A 734 -33.44 -8.24 -42.36
C ALA A 734 -32.55 -8.37 -43.59
N GLU A 735 -31.52 -7.55 -43.70
CA GLU A 735 -30.61 -7.62 -44.84
C GLU A 735 -29.82 -8.89 -44.84
N MET A 736 -29.40 -9.34 -43.65
CA MET A 736 -28.58 -10.54 -43.51
C MET A 736 -29.38 -11.81 -43.21
N GLY A 737 -30.66 -11.67 -42.87
CA GLY A 737 -31.53 -12.82 -42.66
C GLY A 737 -31.29 -13.52 -41.34
N LEU A 738 -30.87 -12.78 -40.31
CA LEU A 738 -30.73 -13.33 -38.98
C LEU A 738 -31.00 -12.28 -37.93
N THR A 739 -31.91 -12.55 -37.01
CA THR A 739 -32.11 -11.71 -35.84
C THR A 739 -31.24 -12.21 -34.71
N MET A 740 -30.56 -11.30 -34.03
CA MET A 740 -29.67 -11.60 -32.94
C MET A 740 -30.08 -10.85 -31.69
N ASP A 741 -30.11 -11.58 -30.59
CA ASP A 741 -30.43 -11.03 -29.30
C ASP A 741 -29.34 -10.04 -28.88
N TYR A 742 -29.74 -8.88 -28.39
CA TYR A 742 -28.77 -7.91 -27.87
C TYR A 742 -29.36 -7.16 -26.72
N LYS A 743 -28.51 -6.39 -26.03
CA LYS A 743 -28.95 -5.51 -24.96
C LYS A 743 -28.47 -4.10 -25.25
N VAL A 744 -29.21 -3.13 -24.74
CA VAL A 744 -28.87 -1.73 -24.90
C VAL A 744 -28.94 -1.06 -23.53
N GLY A 745 -27.93 -0.29 -23.19
CA GLY A 745 -27.84 0.33 -21.87
C GLY A 745 -27.17 1.67 -21.95
N THR A 746 -26.80 2.20 -20.79
CA THR A 746 -26.32 3.56 -20.69
C THR A 746 -25.14 3.68 -19.76
N MET A 747 -24.37 4.73 -19.99
CA MET A 747 -23.34 5.12 -19.07
C MET A 747 -23.95 6.03 -17.99
N ILE A 748 -23.49 5.87 -16.75
CA ILE A 748 -23.89 6.76 -15.66
C ILE A 748 -22.64 7.49 -15.22
N GLU A 749 -22.33 8.56 -15.93
CA GLU A 749 -21.12 9.36 -15.66
C GLU A 749 -21.43 10.86 -15.50
N ILE A 750 -22.70 11.24 -15.46
CA ILE A 750 -23.12 12.62 -15.27
C ILE A 750 -23.90 12.61 -13.98
N PRO A 751 -23.70 13.60 -13.09
CA PRO A 751 -24.41 13.57 -11.82
C PRO A 751 -25.94 13.53 -11.96
N ARG A 752 -26.50 14.33 -12.88
CA ARG A 752 -27.95 14.30 -13.07
C ARG A 752 -28.49 12.88 -13.34
N ALA A 753 -27.72 12.07 -14.06
CA ALA A 753 -28.15 10.71 -14.36
C ALA A 753 -28.33 9.85 -13.12
N ALA A 754 -27.54 10.10 -12.07
CA ALA A 754 -27.73 9.39 -10.82
C ALA A 754 -28.89 9.95 -10.01
N LEU A 755 -29.09 11.27 -10.06
CA LEU A 755 -30.16 11.91 -9.31
C LEU A 755 -31.56 11.54 -9.83
N ILE A 756 -31.66 11.15 -11.09
CA ILE A 756 -32.92 10.69 -11.67
C ILE A 756 -32.77 9.31 -12.32
N ALA A 757 -32.00 8.42 -11.67
CA ALA A 757 -31.74 7.12 -12.23
C ALA A 757 -33.02 6.35 -12.46
N GLU A 758 -33.99 6.46 -11.57
CA GLU A 758 -35.27 5.79 -11.75
C GLU A 758 -35.90 6.04 -13.12
N GLU A 759 -35.69 7.22 -13.68
CA GLU A 759 -36.22 7.54 -15.00
C GLU A 759 -35.42 6.85 -16.08
N ILE A 760 -34.12 6.75 -15.87
CA ILE A 760 -33.23 6.16 -16.87
C ILE A 760 -33.27 4.62 -16.82
N ALA A 761 -33.55 4.06 -15.65
CA ALA A 761 -33.62 2.61 -15.50
C ALA A 761 -34.80 2.00 -16.24
N LYS A 762 -35.91 2.72 -16.32
CA LYS A 762 -37.07 2.23 -17.07
C LYS A 762 -36.80 2.16 -18.58
N GLU A 763 -35.72 2.81 -19.04
CA GLU A 763 -35.34 2.82 -20.45
C GLU A 763 -34.12 1.96 -20.75
N ALA A 764 -33.25 1.74 -19.78
CA ALA A 764 -31.97 1.04 -19.99
C ALA A 764 -32.03 -0.38 -19.43
N GLU A 765 -31.25 -1.27 -20.05
CA GLU A 765 -31.13 -2.64 -19.59
C GLU A 765 -29.94 -2.82 -18.68
N PHE A 766 -29.08 -1.80 -18.57
CA PHE A 766 -27.94 -1.85 -17.66
C PHE A 766 -27.28 -0.50 -17.53
N PHE A 767 -26.74 -0.25 -16.35
CA PHE A 767 -25.90 0.90 -16.09
C PHE A 767 -24.47 0.46 -15.99
N SER A 768 -23.55 1.35 -16.35
CA SER A 768 -22.16 1.22 -15.91
C SER A 768 -21.65 2.61 -15.53
N PHE A 769 -21.14 2.72 -14.32
CA PHE A 769 -20.67 3.99 -13.83
C PHE A 769 -19.34 4.34 -14.49
N GLY A 770 -19.29 5.45 -15.21
CA GLY A 770 -18.04 6.04 -15.64
C GLY A 770 -17.52 6.96 -14.55
N THR A 771 -16.73 6.42 -13.63
CA THR A 771 -16.30 7.20 -12.46
C THR A 771 -15.18 8.20 -12.76
N ASN A 772 -14.73 8.27 -14.01
CA ASN A 772 -13.77 9.30 -14.40
C ASN A 772 -14.46 10.62 -14.58
N ASP A 773 -15.46 10.64 -15.45
CA ASP A 773 -16.24 11.86 -15.66
C ASP A 773 -17.06 12.18 -14.41
N LEU A 774 -17.71 11.18 -13.85
CA LEU A 774 -18.53 11.40 -12.66
C LEU A 774 -17.70 12.01 -11.53
N THR A 775 -16.45 11.58 -11.37
CA THR A 775 -15.56 12.21 -10.41
C THR A 775 -15.20 13.63 -10.86
N GLN A 776 -14.98 13.79 -12.16
CA GLN A 776 -14.71 15.10 -12.71
C GLN A 776 -15.88 16.06 -12.55
N MET A 777 -17.09 15.57 -12.74
CA MET A 777 -18.28 16.42 -12.64
C MET A 777 -18.60 16.70 -11.18
N THR A 778 -18.45 15.70 -10.31
CA THR A 778 -18.80 15.88 -8.91
C THR A 778 -17.86 16.87 -8.19
N PHE A 779 -16.56 16.69 -8.39
CA PHE A 779 -15.58 17.56 -7.77
C PHE A 779 -15.42 18.90 -8.49
N GLY A 780 -15.78 18.95 -9.78
CA GLY A 780 -15.41 20.09 -10.61
C GLY A 780 -13.91 20.17 -10.81
N TYR A 781 -13.29 18.99 -11.03
CA TYR A 781 -11.87 18.86 -11.32
C TYR A 781 -11.70 18.43 -12.76
N SER A 782 -11.04 19.26 -13.57
CA SER A 782 -10.66 18.86 -14.93
C SER A 782 -9.44 17.93 -14.86
N ARG A 783 -9.59 16.70 -15.36
CA ARG A 783 -8.51 15.72 -15.28
C ARG A 783 -7.23 16.19 -15.98
N ASP A 784 -7.37 16.95 -17.06
CA ASP A 784 -6.20 17.52 -17.72
C ASP A 784 -5.52 18.59 -16.87
N ASP A 785 -6.31 19.43 -16.23
CA ASP A 785 -5.79 20.64 -15.56
C ASP A 785 -5.71 20.52 -14.05
N VAL A 786 -6.24 19.44 -13.48
CA VAL A 786 -6.25 19.26 -12.04
C VAL A 786 -4.84 19.32 -11.44
N GLY A 787 -3.84 18.89 -12.20
CA GLY A 787 -2.46 18.89 -11.73
C GLY A 787 -1.97 20.25 -11.26
N LYS A 788 -2.64 21.32 -11.66
CA LYS A 788 -2.19 22.65 -11.25
C LYS A 788 -2.38 22.93 -9.75
N PHE A 789 -3.16 22.11 -9.05
CA PHE A 789 -3.42 22.32 -7.63
C PHE A 789 -3.57 21.06 -6.80
N LEU A 790 -3.59 19.88 -7.42
CA LEU A 790 -3.87 18.63 -6.70
C LEU A 790 -2.81 18.33 -5.65
N GLN A 791 -1.54 18.63 -5.94
CA GLN A 791 -0.47 18.36 -4.99
C GLN A 791 -0.56 19.28 -3.79
N ILE A 792 -0.94 20.53 -4.03
CA ILE A 792 -1.12 21.48 -2.94
C ILE A 792 -2.23 20.99 -1.99
N TYR A 793 -3.31 20.48 -2.58
CA TYR A 793 -4.39 19.90 -1.77
C TYR A 793 -3.94 18.67 -1.00
N LEU A 794 -3.30 17.73 -1.68
CA LEU A 794 -2.88 16.48 -1.02
C LEU A 794 -1.93 16.75 0.13
N SER A 795 -0.95 17.62 -0.08
CA SER A 795 0.05 17.87 0.94
C SER A 795 -0.52 18.67 2.10
N GLN A 796 -1.52 19.50 1.86
CA GLN A 796 -2.15 20.29 2.92
C GLN A 796 -3.32 19.59 3.62
N GLY A 797 -3.51 18.31 3.37
CA GLY A 797 -4.59 17.57 4.02
C GLY A 797 -5.98 17.84 3.50
N ILE A 798 -6.11 18.63 2.43
CA ILE A 798 -7.42 18.87 1.84
C ILE A 798 -7.99 17.59 1.22
N LEU A 799 -7.13 16.83 0.53
CA LEU A 799 -7.50 15.53 -0.03
C LEU A 799 -6.57 14.49 0.55
N GLN A 800 -7.08 13.28 0.75
CA GLN A 800 -6.26 12.16 1.21
C GLN A 800 -5.80 11.24 0.08
N HIS A 801 -6.44 11.30 -1.06
CA HIS A 801 -6.08 10.50 -2.23
C HIS A 801 -6.39 11.26 -3.50
N ASP A 802 -5.75 10.87 -4.60
CA ASP A 802 -6.10 11.39 -5.89
C ASP A 802 -7.52 10.87 -6.21
N PRO A 803 -8.54 11.73 -6.17
CA PRO A 803 -9.90 11.21 -6.32
C PRO A 803 -10.14 10.47 -7.63
N PHE A 804 -9.31 10.70 -8.64
CA PHE A 804 -9.42 9.98 -9.90
C PHE A 804 -8.83 8.58 -9.84
N GLU A 805 -8.07 8.27 -8.78
CA GLU A 805 -7.51 6.96 -8.54
C GLU A 805 -8.30 6.17 -7.52
N VAL A 806 -8.50 6.74 -6.34
CA VAL A 806 -9.30 6.12 -5.27
C VAL A 806 -10.70 6.75 -5.25
N LEU A 807 -11.72 5.90 -5.25
CA LEU A 807 -13.08 6.38 -5.31
C LEU A 807 -13.39 7.21 -4.09
N ASP A 808 -13.95 8.40 -4.30
CA ASP A 808 -14.49 9.21 -3.20
C ASP A 808 -15.83 8.64 -2.79
N GLN A 809 -15.84 7.91 -1.67
CA GLN A 809 -17.05 7.19 -1.28
C GLN A 809 -18.10 8.12 -0.68
N LYS A 810 -17.69 9.13 0.08
CA LYS A 810 -18.64 10.04 0.67
C LYS A 810 -19.37 10.87 -0.38
N GLY A 811 -18.65 11.36 -1.38
CA GLY A 811 -19.23 12.20 -2.42
C GLY A 811 -19.61 11.39 -3.62
N VAL A 812 -18.63 11.06 -4.45
CA VAL A 812 -18.91 10.28 -5.67
C VAL A 812 -19.65 9.00 -5.35
N GLY A 813 -19.25 8.34 -4.27
CA GLY A 813 -19.86 7.08 -3.88
C GLY A 813 -21.33 7.20 -3.55
N GLN A 814 -21.74 8.36 -3.07
CA GLN A 814 -23.15 8.59 -2.75
C GLN A 814 -24.01 8.56 -4.01
N LEU A 815 -23.50 9.13 -5.10
CA LEU A 815 -24.22 9.10 -6.35
C LEU A 815 -24.32 7.69 -6.92
N ILE A 816 -23.24 6.92 -6.76
CA ILE A 816 -23.21 5.55 -7.24
C ILE A 816 -24.22 4.73 -6.45
N LYS A 817 -24.15 4.83 -5.12
CA LYS A 817 -25.11 4.12 -4.26
C LYS A 817 -26.55 4.54 -4.52
N MET A 818 -26.73 5.78 -4.98
CA MET A 818 -28.06 6.33 -5.28
C MET A 818 -28.62 5.75 -6.57
N ALA A 819 -27.85 5.84 -7.65
CA ALA A 819 -28.30 5.34 -8.95
C ALA A 819 -28.61 3.86 -8.91
N THR A 820 -27.78 3.09 -8.23
CA THR A 820 -27.99 1.65 -8.15
C THR A 820 -29.28 1.32 -7.43
N GLU A 821 -29.51 1.95 -6.27
CA GLU A 821 -30.74 1.71 -5.49
C GLU A 821 -31.98 2.10 -6.27
N LYS A 822 -31.98 3.31 -6.84
CA LYS A 822 -33.10 3.75 -7.64
C LYS A 822 -33.28 2.87 -8.89
N GLY A 823 -32.16 2.52 -9.54
CA GLY A 823 -32.23 1.71 -10.75
C GLY A 823 -32.82 0.34 -10.51
N ARG A 824 -32.34 -0.36 -9.48
CA ARG A 824 -32.87 -1.69 -9.18
C ARG A 824 -34.32 -1.65 -8.74
N ALA A 825 -34.69 -0.60 -8.02
CA ALA A 825 -36.08 -0.44 -7.59
C ALA A 825 -37.02 -0.24 -8.77
N ALA A 826 -36.54 0.40 -9.82
CA ALA A 826 -37.37 0.70 -10.99
C ALA A 826 -37.28 -0.33 -12.08
N ASN A 827 -36.21 -1.13 -12.07
CA ASN A 827 -35.97 -2.17 -13.08
C ASN A 827 -35.21 -3.32 -12.44
N PRO A 828 -35.95 -4.27 -11.83
CA PRO A 828 -35.30 -5.43 -11.21
C PRO A 828 -34.36 -6.22 -12.12
N ASN A 829 -34.60 -6.21 -13.42
CA ASN A 829 -33.73 -6.88 -14.38
C ASN A 829 -32.52 -6.04 -14.81
N LEU A 830 -32.26 -4.94 -14.13
CA LEU A 830 -31.16 -4.07 -14.50
C LEU A 830 -29.84 -4.67 -14.02
N LYS A 831 -28.81 -4.53 -14.85
CA LYS A 831 -27.44 -4.90 -14.48
C LYS A 831 -26.59 -3.67 -14.33
N VAL A 832 -25.72 -3.67 -13.33
CA VAL A 832 -24.95 -2.49 -13.00
C VAL A 832 -23.49 -2.86 -12.92
N GLY A 833 -22.64 -2.08 -13.60
CA GLY A 833 -21.20 -2.31 -13.57
C GLY A 833 -20.42 -1.03 -13.50
N ILE A 834 -19.11 -1.11 -13.78
CA ILE A 834 -18.20 0.06 -13.82
C ILE A 834 -17.16 -0.11 -14.89
N CYS A 835 -16.72 1.01 -15.46
CA CYS A 835 -15.60 0.97 -16.38
C CYS A 835 -14.67 2.16 -16.21
N GLY A 836 -14.85 2.93 -15.15
CA GLY A 836 -13.87 3.93 -14.79
C GLY A 836 -12.65 3.29 -14.18
N GLU A 837 -11.56 4.06 -14.10
CA GLU A 837 -10.29 3.56 -13.57
C GLU A 837 -10.43 2.96 -12.18
N HIS A 838 -11.39 3.45 -11.41
CA HIS A 838 -11.62 2.95 -10.08
C HIS A 838 -12.06 1.50 -10.10
N GLY A 839 -12.47 0.97 -11.25
CA GLY A 839 -12.86 -0.43 -11.35
C GLY A 839 -11.80 -1.43 -11.00
N GLY A 840 -10.54 -1.02 -11.12
CA GLY A 840 -9.42 -1.88 -10.77
C GLY A 840 -8.71 -1.55 -9.48
N GLU A 841 -9.25 -0.60 -8.71
CA GLU A 841 -8.61 -0.17 -7.46
C GLU A 841 -9.24 -0.93 -6.31
N PRO A 842 -8.42 -1.60 -5.47
CA PRO A 842 -8.99 -2.47 -4.43
C PRO A 842 -10.03 -1.81 -3.51
N SER A 843 -9.70 -0.72 -2.84
CA SER A 843 -10.68 -0.08 -1.95
C SER A 843 -11.94 0.30 -2.68
N SER A 844 -11.83 0.70 -3.95
CA SER A 844 -13.01 1.01 -4.74
C SER A 844 -13.84 -0.23 -5.01
N VAL A 845 -13.17 -1.32 -5.38
CA VAL A 845 -13.86 -2.58 -5.65
C VAL A 845 -14.66 -3.03 -4.43
N ALA A 846 -14.09 -2.87 -3.24
CA ALA A 846 -14.80 -3.25 -2.03
C ALA A 846 -16.07 -2.43 -1.86
N PHE A 847 -15.98 -1.15 -2.19
CA PHE A 847 -17.17 -0.29 -2.15
C PHE A 847 -18.24 -0.73 -3.15
N PHE A 848 -17.80 -1.21 -4.30
CA PHE A 848 -18.74 -1.65 -5.34
C PHE A 848 -19.44 -2.95 -4.98
N ASP A 849 -18.70 -3.92 -4.47
CA ASP A 849 -19.34 -5.12 -3.90
C ASP A 849 -20.30 -4.74 -2.76
N GLY A 850 -19.96 -3.71 -2.00
CA GLY A 850 -20.82 -3.21 -0.93
C GLY A 850 -22.16 -2.74 -1.42
N VAL A 851 -22.17 -1.89 -2.42
CA VAL A 851 -23.43 -1.41 -3.00
C VAL A 851 -24.11 -2.43 -3.91
N GLY A 852 -23.53 -3.62 -4.06
CA GLY A 852 -24.20 -4.69 -4.76
C GLY A 852 -24.13 -4.65 -6.27
N LEU A 853 -23.03 -4.17 -6.82
CA LEU A 853 -22.89 -4.12 -8.26
C LEU A 853 -22.69 -5.51 -8.82
N ASP A 854 -23.06 -5.69 -10.08
CA ASP A 854 -22.94 -7.02 -10.71
C ASP A 854 -21.49 -7.29 -11.13
N TYR A 855 -20.82 -6.32 -11.74
CA TYR A 855 -19.45 -6.53 -12.21
C TYR A 855 -18.66 -5.25 -12.13
N VAL A 856 -17.36 -5.38 -12.34
CA VAL A 856 -16.43 -4.27 -12.52
C VAL A 856 -15.64 -4.51 -13.77
N SER A 857 -15.03 -3.46 -14.30
CA SER A 857 -14.27 -3.56 -15.54
C SER A 857 -13.03 -2.69 -15.42
N CYS A 858 -11.93 -3.15 -16.01
CA CYS A 858 -10.65 -2.45 -15.86
C CYS A 858 -9.72 -2.86 -16.95
N SER A 859 -8.52 -2.27 -16.98
CA SER A 859 -7.55 -2.55 -18.02
C SER A 859 -7.16 -4.02 -17.96
N PRO A 860 -6.71 -4.59 -19.09
CA PRO A 860 -6.36 -6.00 -19.09
C PRO A 860 -5.36 -6.40 -18.01
N PHE A 861 -4.37 -5.55 -17.75
CA PHE A 861 -3.35 -5.87 -16.77
C PHE A 861 -3.80 -5.76 -15.33
N ARG A 862 -4.95 -5.12 -15.12
N ARG A 862 -4.91 -5.06 -15.08
CA ARG A 862 -5.48 -4.90 -13.80
CA ARG A 862 -5.48 -4.92 -13.75
C ARG A 862 -6.57 -5.92 -13.40
C ARG A 862 -6.49 -6.01 -13.36
N VAL A 863 -6.95 -6.81 -14.32
CA VAL A 863 -7.99 -7.81 -14.05
C VAL A 863 -7.64 -8.73 -12.88
N PRO A 864 -6.41 -9.25 -12.83
CA PRO A 864 -6.07 -10.14 -11.69
C PRO A 864 -6.22 -9.47 -10.34
N ILE A 865 -5.72 -8.25 -10.22
CA ILE A 865 -5.85 -7.51 -8.97
C ILE A 865 -7.32 -7.29 -8.63
N ALA A 866 -8.11 -6.93 -9.63
CA ALA A 866 -9.55 -6.77 -9.42
C ALA A 866 -10.23 -8.09 -8.98
N ARG A 867 -9.74 -9.21 -9.46
CA ARG A 867 -10.27 -10.49 -9.04
C ARG A 867 -9.96 -10.80 -7.58
N LEU A 868 -8.74 -10.49 -7.14
CA LEU A 868 -8.37 -10.74 -5.75
C LEU A 868 -9.11 -9.77 -4.85
N ALA A 869 -9.16 -8.51 -5.25
CA ALA A 869 -9.95 -7.53 -4.50
C ALA A 869 -11.41 -7.95 -4.36
N ALA A 870 -11.97 -8.45 -5.45
CA ALA A 870 -13.35 -8.90 -5.41
C ALA A 870 -13.56 -10.06 -4.47
N ALA A 871 -12.52 -10.84 -4.24
CA ALA A 871 -12.60 -11.98 -3.33
C ALA A 871 -12.32 -11.59 -1.88
N GLN A 872 -11.44 -10.63 -1.66
CA GLN A 872 -11.08 -10.25 -0.29
C GLN A 872 -12.22 -9.58 0.44
N VAL A 873 -13.09 -8.90 -0.32
CA VAL A 873 -14.18 -8.12 0.27
C VAL A 873 -15.29 -9.00 0.86
N VAL A 874 -15.43 -10.21 0.37
CA VAL A 874 -16.46 -11.13 0.87
C VAL A 874 -15.92 -12.08 1.90
N VAL A 875 -14.80 -11.74 2.53
CA VAL A 875 -14.19 -12.59 3.54
C VAL A 875 -13.88 -11.77 4.79
C4 6NQ B . 13.90 -5.66 25.97
C5 6NQ B . 13.03 -6.08 26.97
C6 6NQ B . 13.44 -7.15 27.78
C8 6NQ B . 12.05 -4.50 25.94
N1 6NQ B . 14.68 -7.66 27.57
N3 6NQ B . 15.13 -6.17 25.72
PG 6NQ B . 6.31 -0.36 21.00
O1G 6NQ B . 6.30 0.65 22.14
O2G 6NQ B . 5.35 0.06 19.92
O3G 6NQ B . 5.88 -1.71 21.54
PB 6NQ B . 8.84 -1.88 20.29
O1B 6NQ B . 9.88 -1.73 19.18
O2B 6NQ B . 7.92 -3.04 20.00
N3B 6NQ B . 7.93 -0.44 20.40
PA 6NQ B . 9.31 -1.87 23.22
O1A 6NQ B . 8.79 -0.43 23.28
O2A 6NQ B . 8.46 -2.95 23.81
O3A 6NQ B . 9.66 -2.23 21.70
O5' 6NQ B . 10.76 -1.88 23.85
C5' 6NQ B . 11.81 -1.03 23.36
C4' 6NQ B . 13.10 -1.80 23.14
O4' 6NQ B . 13.49 -2.47 24.39
C3' 6NQ B . 13.04 -2.89 22.08
O3' 6NQ B . 14.23 -2.99 21.32
C2' 6NQ B . 12.80 -4.15 22.96
BR 6NQ B . 13.26 -5.88 22.17
C1' 6NQ B . 13.71 -3.86 24.16
N9 6NQ B . 13.27 -4.63 25.32
N7 6NQ B . 11.86 -5.33 26.93
N6 6NQ B . 12.70 -7.64 28.76
C2 6NQ B . 15.43 -7.15 26.58
C1 PEP C . -15.65 7.44 -17.63
O1 PEP C . -15.32 6.87 -16.52
O2' PEP C . -16.15 8.57 -17.70
C2 PEP C . -15.44 6.83 -18.95
C3 PEP C . -15.63 5.51 -19.04
O2 PEP C . -15.10 7.70 -20.15
P PEP C . -13.79 8.67 -20.48
O1P PEP C . -12.61 7.99 -19.82
O2P PEP C . -13.56 8.81 -21.99
O3P PEP C . -14.08 10.01 -19.86
MG MG D . -16.88 9.11 -20.19
#